data_8ARK
#
_entry.id   8ARK
#
_cell.length_a   204.103
_cell.length_b   115.124
_cell.length_c   81.411
_cell.angle_alpha   90.000
_cell.angle_beta   101.920
_cell.angle_gamma   90.000
#
_symmetry.space_group_name_H-M   'C 1 2 1'
#
_entity_poly.entity_id   1
_entity_poly.type   'polypeptide(L)'
_entity_poly.pdbx_seq_one_letter_code
;MTYGGRDQQYNKTNYKSRGGDFRGGRNSDRNSYNDRPQGGNYRGGFGGRSNYNQPQELIKPNWDEELPKLPTFEKNFYVE
HESVRDRSDSEIAQFRKENEMTISGHDIPKPITTFDEAGFPDYVLNEVKAEGFDKPTGIQCQGWPMALSGRDMVGIAATG
SGKTLSYCLPGIVHINAQPLLAPGDGPIVLVLAPTRELAVQIQTECSKFGHSSRIRNTCVYGGVPKSQQIRDLSRGSEIV
IATPGRLIDMLEIGKTNLKRVTYLVLDEADRMLDMGFEPQIRKIVDQIRPDRQTLMWSATWPKEVKQLAADYLNDPIQVQ
VGSLELSASHNITQIVEVVSDFEKRDRLNKYLETASQDNEYKTLIFASTKRMCDDITKYLREDGWPALAIHGDKDQRERD
WVLQEFRNGRSPIMVATDVAARGIDVKGINYVINYDMPGNIEDYVHRIGRTGRAGATGTAISFFTEQNKGLGAKLISIMR
EANQNIPPELLKYDRRSYGGGHPRYGGGRGGRGGYGRRGGYGGGRGGYGGNRQRDGGWGNRGRSNY
;
_entity_poly.pdbx_strand_id   A,B,C
#
# COMPACT_ATOMS: atom_id res chain seq x y z
N GLU A 57 5.45 -53.20 16.95
CA GLU A 57 5.12 -52.21 15.94
C GLU A 57 4.19 -51.11 16.47
N LEU A 58 2.91 -51.23 16.09
CA LEU A 58 1.92 -50.18 16.34
C LEU A 58 1.80 -49.80 17.81
N ILE A 59 1.64 -50.79 18.71
CA ILE A 59 0.46 -50.87 19.57
C ILE A 59 0.16 -49.51 20.19
N LYS A 60 -1.12 -49.14 20.11
CA LYS A 60 -1.63 -47.82 20.49
C LYS A 60 -2.26 -47.90 21.87
N PRO A 61 -1.62 -47.34 22.89
CA PRO A 61 -2.17 -47.44 24.25
C PRO A 61 -3.56 -46.85 24.40
N ASN A 62 -4.20 -47.21 25.50
CA ASN A 62 -5.44 -46.60 25.96
C ASN A 62 -5.11 -45.44 26.88
N TRP A 63 -5.48 -44.22 26.49
CA TRP A 63 -5.10 -43.09 27.33
C TRP A 63 -6.19 -42.78 28.36
N ASP A 64 -6.54 -43.83 29.12
CA ASP A 64 -7.15 -43.74 30.43
C ASP A 64 -6.46 -44.63 31.44
N GLU A 65 -5.71 -45.64 30.98
CA GLU A 65 -5.07 -46.68 31.76
C GLU A 65 -3.58 -46.42 31.95
N GLU A 66 -2.90 -45.95 30.91
CA GLU A 66 -1.51 -45.54 30.99
C GLU A 66 -1.34 -44.07 31.32
N LEU A 67 -2.35 -43.24 31.02
CA LEU A 67 -2.19 -41.80 31.16
C LEU A 67 -2.08 -41.37 32.62
N PRO A 68 -2.97 -41.76 33.54
CA PRO A 68 -2.83 -41.30 34.93
C PRO A 68 -1.65 -41.91 35.67
N LYS A 69 -0.92 -42.86 35.06
CA LYS A 69 0.35 -43.31 35.62
C LYS A 69 1.50 -42.42 35.17
N LEU A 70 1.33 -41.75 34.03
CA LEU A 70 2.36 -40.89 33.49
C LEU A 70 2.54 -39.64 34.35
N PRO A 71 3.76 -39.15 34.51
CA PRO A 71 3.98 -37.87 35.20
C PRO A 71 3.30 -36.74 34.44
N THR A 72 3.32 -35.55 35.04
CA THR A 72 2.52 -34.48 34.47
C THR A 72 3.30 -33.18 34.50
N PHE A 73 3.28 -32.50 33.35
CA PHE A 73 4.06 -31.34 32.99
C PHE A 73 3.20 -30.08 33.07
N GLU A 74 3.87 -28.93 33.15
CA GLU A 74 3.23 -27.65 33.01
C GLU A 74 3.61 -27.06 31.66
N LYS A 75 2.69 -26.32 31.06
CA LYS A 75 2.94 -25.79 29.72
C LYS A 75 2.50 -24.34 29.53
N ASN A 76 2.38 -23.55 30.60
CA ASN A 76 2.09 -22.14 30.47
C ASN A 76 3.27 -21.35 31.03
N PHE A 77 3.80 -20.44 30.23
CA PHE A 77 5.00 -19.69 30.60
C PHE A 77 4.91 -18.21 30.25
N TYR A 78 3.70 -17.68 30.04
CA TYR A 78 3.51 -16.34 29.51
C TYR A 78 3.09 -15.36 30.59
N VAL A 79 3.80 -14.23 30.67
CA VAL A 79 3.55 -13.22 31.68
C VAL A 79 2.56 -12.16 31.22
N GLU A 80 2.47 -11.90 29.90
CA GLU A 80 1.52 -10.93 29.35
C GLU A 80 1.68 -9.52 29.94
N HIS A 81 2.85 -8.94 29.69
CA HIS A 81 3.18 -7.62 30.24
C HIS A 81 2.00 -6.67 30.02
N GLU A 82 1.78 -5.79 31.00
CA GLU A 82 0.64 -4.89 30.94
C GLU A 82 0.79 -3.83 29.87
N SER A 83 2.00 -3.63 29.34
CA SER A 83 2.17 -2.81 28.16
C SER A 83 1.20 -3.21 27.06
N VAL A 84 0.97 -4.52 26.87
CA VAL A 84 0.13 -4.98 25.77
C VAL A 84 -1.35 -4.94 26.16
N ARG A 85 -1.69 -5.38 27.37
CA ARG A 85 -3.06 -5.23 27.87
C ARG A 85 -3.02 -4.26 29.04
N ASP A 86 -3.64 -3.08 28.85
CA ASP A 86 -4.37 -2.76 27.63
C ASP A 86 -3.67 -1.76 26.71
N ARG A 87 -4.02 -1.84 25.42
CA ARG A 87 -3.64 -0.83 24.42
C ARG A 87 -4.82 0.07 24.03
N SER A 88 -5.97 -0.47 23.61
CA SER A 88 -6.43 -1.82 23.21
C SER A 88 -7.71 -1.83 22.40
N ASP A 89 -7.84 -2.91 21.62
CA ASP A 89 -9.01 -3.45 20.95
C ASP A 89 -9.47 -2.57 19.80
N SER A 90 -8.81 -1.45 19.56
CA SER A 90 -8.91 -0.74 18.29
C SER A 90 -7.59 -0.78 17.55
N GLU A 91 -6.48 -0.96 18.26
CA GLU A 91 -5.17 -1.02 17.65
C GLU A 91 -4.54 -2.39 17.66
N ILE A 92 -4.91 -3.26 18.62
CA ILE A 92 -4.59 -4.66 18.44
C ILE A 92 -5.53 -5.30 17.42
N ALA A 93 -6.71 -4.71 17.23
CA ALA A 93 -7.55 -5.06 16.08
C ALA A 93 -7.12 -4.35 14.81
N GLN A 94 -6.36 -3.25 14.93
CA GLN A 94 -5.77 -2.59 13.78
C GLN A 94 -4.48 -3.28 13.39
N PHE A 95 -3.64 -3.59 14.39
CA PHE A 95 -2.45 -4.39 14.13
C PHE A 95 -2.84 -5.74 13.54
N ARG A 96 -3.74 -6.48 14.21
CA ARG A 96 -4.11 -7.81 13.73
C ARG A 96 -4.48 -7.80 12.25
N LYS A 97 -5.49 -7.03 11.87
CA LYS A 97 -5.73 -6.76 10.46
C LYS A 97 -4.97 -5.49 10.03
N GLU A 98 -3.65 -5.59 10.10
CA GLU A 98 -2.73 -4.96 9.17
C GLU A 98 -1.70 -5.96 8.69
N ASN A 99 -1.49 -7.03 9.44
CA ASN A 99 -0.78 -8.25 9.08
C ASN A 99 -1.72 -9.27 8.47
N GLU A 100 -2.93 -8.85 8.10
CA GLU A 100 -3.98 -9.73 7.60
C GLU A 100 -4.11 -11.02 8.41
N MET A 101 -4.09 -10.88 9.74
CA MET A 101 -4.36 -12.02 10.59
C MET A 101 -5.88 -12.17 10.77
N THR A 102 -6.35 -13.41 10.76
CA THR A 102 -7.76 -13.75 10.95
C THR A 102 -7.83 -14.83 12.03
N ILE A 103 -8.00 -14.41 13.25
CA ILE A 103 -8.02 -15.33 14.38
C ILE A 103 -9.43 -15.77 14.71
N SER A 104 -9.51 -16.98 15.26
CA SER A 104 -10.74 -17.52 15.79
C SER A 104 -10.38 -18.59 16.82
N GLY A 105 -11.31 -18.84 17.73
CA GLY A 105 -11.03 -19.62 18.90
C GLY A 105 -11.42 -18.90 20.17
N HIS A 106 -11.16 -19.57 21.29
CA HIS A 106 -11.58 -19.12 22.61
C HIS A 106 -10.41 -18.52 23.38
N ASP A 107 -10.62 -17.35 23.99
CA ASP A 107 -9.64 -16.74 24.89
C ASP A 107 -8.28 -16.57 24.21
N ILE A 108 -8.27 -15.77 23.14
CA ILE A 108 -7.10 -15.67 22.26
C ILE A 108 -6.23 -14.51 22.76
N PRO A 109 -4.96 -14.74 23.08
CA PRO A 109 -4.12 -13.68 23.64
C PRO A 109 -3.94 -12.50 22.69
N LYS A 110 -3.79 -11.33 23.29
CA LYS A 110 -3.44 -10.15 22.51
C LYS A 110 -2.02 -10.28 22.00
N PRO A 111 -1.74 -9.82 20.77
CA PRO A 111 -0.38 -9.94 20.24
C PRO A 111 0.58 -9.03 20.98
N ILE A 112 1.81 -9.53 21.19
CA ILE A 112 2.92 -8.72 21.64
C ILE A 112 3.39 -7.83 20.50
N THR A 113 4.19 -6.80 20.80
CA THR A 113 4.70 -5.95 19.73
C THR A 113 6.17 -5.61 19.88
N THR A 114 6.88 -6.15 20.88
CA THR A 114 8.33 -6.07 20.95
C THR A 114 8.85 -7.32 21.65
N PHE A 115 10.16 -7.55 21.53
CA PHE A 115 10.76 -8.78 22.08
C PHE A 115 10.57 -8.87 23.58
N ASP A 116 10.67 -7.75 24.29
CA ASP A 116 10.51 -7.80 25.74
C ASP A 116 9.08 -8.14 26.14
N GLU A 117 8.12 -7.83 25.26
CA GLU A 117 6.71 -8.07 25.60
C GLU A 117 6.35 -9.55 25.58
N ALA A 118 7.15 -10.38 24.90
CA ALA A 118 6.95 -11.82 24.95
C ALA A 118 7.60 -12.36 26.20
N GLY A 119 6.86 -13.18 26.94
CA GLY A 119 7.32 -13.55 28.27
C GLY A 119 8.45 -14.55 28.26
N PHE A 120 9.53 -14.18 27.59
CA PHE A 120 10.73 -14.96 27.39
C PHE A 120 11.68 -14.80 28.57
N PRO A 121 12.29 -15.91 28.97
CA PRO A 121 13.47 -15.81 29.83
C PRO A 121 14.59 -15.11 29.09
N ASP A 122 15.68 -14.84 29.80
CA ASP A 122 16.69 -13.95 29.28
C ASP A 122 17.73 -14.67 28.45
N TYR A 123 18.04 -15.93 28.79
CA TYR A 123 18.97 -16.72 27.99
C TYR A 123 18.52 -16.87 26.54
N VAL A 124 17.26 -16.58 26.22
CA VAL A 124 16.79 -16.58 24.84
C VAL A 124 16.25 -15.23 24.41
N LEU A 125 15.81 -14.38 25.32
CA LEU A 125 15.50 -13.00 24.94
C LEU A 125 16.75 -12.29 24.46
N ASN A 126 17.89 -12.58 25.09
CA ASN A 126 19.14 -11.93 24.72
C ASN A 126 19.60 -12.35 23.33
N GLU A 127 19.43 -13.63 22.98
CA GLU A 127 19.89 -14.14 21.69
C GLU A 127 18.87 -13.96 20.58
N VAL A 128 17.65 -13.55 20.90
CA VAL A 128 16.64 -13.29 19.89
C VAL A 128 16.73 -11.87 19.34
N LYS A 129 17.22 -10.92 20.14
CA LYS A 129 17.50 -9.57 19.68
C LYS A 129 18.93 -9.41 19.21
N ALA A 130 19.84 -10.26 19.72
CA ALA A 130 21.22 -10.23 19.26
C ALA A 130 21.34 -10.50 17.77
N GLU A 131 20.28 -11.00 17.13
CA GLU A 131 20.23 -11.13 15.68
C GLU A 131 20.18 -9.77 14.98
N GLY A 132 20.06 -8.70 15.76
CA GLY A 132 19.92 -7.35 15.25
C GLY A 132 18.60 -7.15 14.52
N PHE A 133 17.50 -7.32 15.24
CA PHE A 133 16.19 -7.05 14.67
C PHE A 133 15.29 -6.39 15.71
N ASP A 134 14.54 -5.41 15.25
CA ASP A 134 13.52 -4.65 15.98
C ASP A 134 12.13 -5.22 15.71
N LYS A 135 11.23 -5.13 16.72
CA LYS A 135 9.81 -5.38 16.43
C LYS A 135 9.50 -6.69 15.71
N PRO A 136 9.64 -7.83 16.39
CA PRO A 136 9.61 -9.16 15.76
C PRO A 136 8.41 -9.41 14.85
N THR A 137 8.56 -10.42 13.98
CA THR A 137 7.64 -10.69 12.89
C THR A 137 6.19 -10.79 13.35
N GLY A 138 5.28 -10.47 12.42
CA GLY A 138 3.85 -10.62 12.69
C GLY A 138 3.48 -11.99 13.18
N ILE A 139 3.96 -13.03 12.48
CA ILE A 139 3.67 -14.39 12.92
C ILE A 139 4.25 -14.65 14.31
N GLN A 140 5.37 -13.98 14.61
CA GLN A 140 5.97 -14.11 15.94
C GLN A 140 5.19 -13.33 16.98
N CYS A 141 4.47 -12.27 16.56
CA CYS A 141 3.84 -11.36 17.51
C CYS A 141 2.47 -11.83 17.93
N GLN A 142 1.79 -12.62 17.10
CA GLN A 142 0.57 -13.28 17.52
C GLN A 142 0.80 -14.72 17.96
N GLY A 143 1.90 -15.33 17.54
CA GLY A 143 2.17 -16.74 17.79
C GLY A 143 2.85 -17.00 19.13
N TRP A 144 3.82 -16.15 19.49
CA TRP A 144 4.52 -16.34 20.76
C TRP A 144 3.60 -16.29 21.97
N PRO A 145 2.65 -15.37 22.08
CA PRO A 145 1.77 -15.40 23.27
C PRO A 145 0.93 -16.66 23.37
N MET A 146 0.30 -17.12 22.27
CA MET A 146 -0.49 -18.33 22.40
C MET A 146 0.38 -19.56 22.58
N ALA A 147 1.57 -19.58 21.97
CA ALA A 147 2.46 -20.72 22.15
C ALA A 147 2.99 -20.77 23.58
N LEU A 148 3.52 -19.65 24.08
CA LEU A 148 4.05 -19.62 25.44
C LEU A 148 2.97 -19.96 26.47
N SER A 149 1.71 -19.67 26.17
CA SER A 149 0.64 -19.99 27.11
C SER A 149 0.14 -21.42 26.97
N GLY A 150 0.67 -22.20 26.05
CA GLY A 150 0.45 -23.63 26.02
C GLY A 150 -0.79 -24.08 25.28
N ARG A 151 -1.53 -23.16 24.68
CA ARG A 151 -2.68 -23.55 23.88
C ARG A 151 -2.22 -24.29 22.63
N ASP A 152 -3.18 -24.97 22.00
CA ASP A 152 -2.95 -25.63 20.73
C ASP A 152 -3.30 -24.64 19.62
N MET A 153 -2.62 -24.76 18.49
CA MET A 153 -2.88 -23.80 17.43
C MET A 153 -2.79 -24.47 16.05
N VAL A 154 -3.71 -24.06 15.18
CA VAL A 154 -3.66 -24.29 13.74
C VAL A 154 -3.33 -22.96 13.06
N GLY A 155 -2.18 -22.90 12.40
CA GLY A 155 -1.85 -21.63 11.78
C GLY A 155 -1.79 -21.71 10.27
N ILE A 156 -2.56 -20.85 9.61
CA ILE A 156 -2.54 -20.75 8.15
C ILE A 156 -1.56 -19.68 7.73
N ALA A 157 -0.47 -20.10 7.07
CA ALA A 157 0.50 -19.19 6.48
C ALA A 157 1.17 -19.91 5.33
N ALA A 158 1.64 -19.14 4.35
CA ALA A 158 2.21 -19.74 3.14
C ALA A 158 3.44 -20.57 3.47
N THR A 159 3.68 -21.60 2.66
CA THR A 159 4.94 -22.35 2.74
C THR A 159 6.12 -21.41 2.54
N GLY A 160 6.95 -21.29 3.57
CA GLY A 160 8.11 -20.42 3.54
C GLY A 160 8.02 -19.28 4.52
N SER A 161 6.89 -19.17 5.23
CA SER A 161 6.67 -18.13 6.21
C SER A 161 7.67 -18.23 7.37
N GLY A 162 7.70 -17.16 8.17
CA GLY A 162 8.54 -17.03 9.34
C GLY A 162 7.96 -17.78 10.53
N LYS A 163 7.59 -19.04 10.31
CA LYS A 163 6.84 -19.82 11.28
C LYS A 163 7.71 -20.56 12.27
N THR A 164 8.95 -20.87 11.94
CA THR A 164 9.66 -21.85 12.77
C THR A 164 10.15 -21.26 14.09
N LEU A 165 10.42 -19.96 14.16
CA LEU A 165 10.73 -19.38 15.47
C LEU A 165 9.47 -19.24 16.32
N SER A 166 8.31 -19.08 15.67
CA SER A 166 7.02 -19.07 16.35
C SER A 166 6.91 -20.14 17.42
N TYR A 167 7.41 -21.34 17.13
CA TYR A 167 7.23 -22.47 18.03
C TYR A 167 8.53 -23.03 18.61
N CYS A 168 9.69 -22.73 18.02
CA CYS A 168 10.93 -23.29 18.58
C CYS A 168 11.36 -22.58 19.86
N LEU A 169 11.20 -21.26 19.94
CA LEU A 169 11.55 -20.55 21.17
C LEU A 169 10.62 -20.91 22.32
N PRO A 170 9.29 -20.94 22.17
CA PRO A 170 8.46 -21.48 23.26
C PRO A 170 8.77 -22.94 23.57
N GLY A 171 9.19 -23.72 22.58
CA GLY A 171 9.61 -25.08 22.84
C GLY A 171 10.82 -25.15 23.75
N ILE A 172 11.80 -24.29 23.52
CA ILE A 172 12.99 -24.25 24.38
C ILE A 172 12.57 -23.93 25.82
N VAL A 173 11.69 -22.95 25.99
CA VAL A 173 11.14 -22.62 27.31
C VAL A 173 10.35 -23.80 27.85
N HIS A 174 9.70 -24.55 26.98
CA HIS A 174 8.93 -25.71 27.43
C HIS A 174 9.83 -26.79 27.99
N ILE A 175 11.06 -26.93 27.45
CA ILE A 175 11.96 -27.96 27.92
C ILE A 175 12.56 -27.57 29.27
N ASN A 176 13.25 -26.43 29.35
CA ASN A 176 13.78 -26.05 30.67
C ASN A 176 12.62 -25.49 31.50
N ALA A 177 11.69 -26.38 31.81
CA ALA A 177 10.96 -26.39 33.06
C ALA A 177 10.82 -27.82 33.58
N GLN A 178 11.42 -28.78 32.91
CA GLN A 178 11.18 -30.20 33.09
C GLN A 178 12.47 -30.93 33.48
N PRO A 179 12.34 -31.98 34.29
CA PRO A 179 13.50 -32.81 34.64
C PRO A 179 14.33 -33.24 33.45
N LEU A 180 15.60 -33.52 33.69
CA LEU A 180 16.54 -33.86 32.63
C LEU A 180 16.24 -35.25 32.10
N LEU A 181 17.06 -35.68 31.15
CA LEU A 181 16.73 -36.81 30.29
C LEU A 181 16.81 -38.15 31.01
N ALA A 182 17.45 -38.24 32.19
CA ALA A 182 17.16 -39.38 33.05
C ALA A 182 17.29 -40.75 32.38
N PRO A 183 18.50 -41.20 32.04
CA PRO A 183 18.74 -42.07 30.88
C PRO A 183 17.73 -43.16 30.59
N GLY A 184 17.30 -43.20 29.33
CA GLY A 184 16.32 -44.12 28.82
C GLY A 184 15.23 -43.37 28.09
N ASP A 185 15.20 -42.06 28.31
CA ASP A 185 14.12 -41.19 27.87
C ASP A 185 14.36 -40.65 26.46
N GLY A 186 13.26 -40.30 25.81
CA GLY A 186 13.27 -39.77 24.47
C GLY A 186 12.91 -38.30 24.45
N PRO A 187 12.75 -37.75 23.25
CA PRO A 187 12.55 -36.30 23.10
C PRO A 187 11.36 -35.76 23.89
N ILE A 188 11.46 -34.48 24.25
CA ILE A 188 10.35 -33.76 24.88
C ILE A 188 9.49 -33.08 23.82
N VAL A 189 10.12 -32.32 22.92
CA VAL A 189 9.43 -31.67 21.80
C VAL A 189 9.76 -32.44 20.52
N LEU A 190 8.72 -32.77 19.76
CA LEU A 190 8.85 -33.53 18.52
C LEU A 190 8.29 -32.71 17.37
N VAL A 191 9.11 -32.46 16.36
CA VAL A 191 8.70 -31.69 15.18
C VAL A 191 8.68 -32.62 13.97
N LEU A 192 7.61 -32.57 13.20
CA LEU A 192 7.43 -33.35 11.98
C LEU A 192 7.43 -32.42 10.79
N ALA A 193 8.35 -32.63 9.86
CA ALA A 193 8.43 -31.85 8.64
C ALA A 193 8.40 -32.76 7.40
N PRO A 194 7.81 -32.30 6.31
CA PRO A 194 7.76 -33.16 5.10
C PRO A 194 9.11 -33.41 4.46
N THR A 195 9.90 -32.36 4.31
CA THR A 195 11.13 -32.37 3.53
C THR A 195 12.38 -32.28 4.42
N ARG A 196 13.45 -32.88 3.92
CA ARG A 196 14.74 -32.79 4.60
C ARG A 196 15.19 -31.35 4.76
N GLU A 197 14.96 -30.52 3.75
CA GLU A 197 15.49 -29.16 3.77
C GLU A 197 14.83 -28.32 4.88
N LEU A 198 13.51 -28.45 5.06
CA LEU A 198 12.88 -27.75 6.16
C LEU A 198 13.31 -28.32 7.51
N ALA A 199 13.56 -29.63 7.56
CA ALA A 199 13.99 -30.24 8.81
C ALA A 199 15.31 -29.68 9.27
N VAL A 200 16.20 -29.35 8.33
CA VAL A 200 17.50 -28.82 8.70
C VAL A 200 17.41 -27.32 8.98
N GLN A 201 16.56 -26.61 8.25
CA GLN A 201 16.16 -25.26 8.65
C GLN A 201 15.79 -25.24 10.13
N ILE A 202 14.90 -26.15 10.53
CA ILE A 202 14.39 -26.14 11.89
C ILE A 202 15.48 -26.43 12.89
N GLN A 203 16.40 -27.36 12.57
CA GLN A 203 17.41 -27.71 13.55
C GLN A 203 18.47 -26.62 13.67
N THR A 204 18.66 -25.83 12.60
CA THR A 204 19.55 -24.68 12.70
C THR A 204 19.05 -23.69 13.74
N GLU A 205 17.74 -23.45 13.78
CA GLU A 205 17.14 -22.59 14.79
C GLU A 205 17.09 -23.26 16.17
N CYS A 206 17.10 -24.59 16.23
CA CYS A 206 17.00 -25.28 17.52
C CYS A 206 18.36 -25.41 18.21
N SER A 207 19.45 -25.44 17.45
CA SER A 207 20.74 -25.43 18.11
C SER A 207 21.26 -24.02 18.32
N LYS A 208 20.86 -23.07 17.47
CA LYS A 208 21.23 -21.67 17.69
C LYS A 208 20.66 -21.16 19.01
N PHE A 209 19.37 -21.41 19.24
CA PHE A 209 18.70 -20.92 20.44
C PHE A 209 18.74 -21.92 21.58
N GLY A 210 19.21 -23.14 21.32
CA GLY A 210 19.33 -24.17 22.34
C GLY A 210 20.68 -24.15 23.03
N HIS A 211 21.73 -23.71 22.31
CA HIS A 211 23.09 -23.73 22.83
C HIS A 211 23.19 -23.13 24.23
N SER A 212 22.52 -22.00 24.47
CA SER A 212 22.49 -21.35 25.79
C SER A 212 22.24 -22.34 26.91
N SER A 213 21.51 -23.42 26.63
CA SER A 213 21.12 -24.43 27.58
C SER A 213 21.70 -25.76 27.09
N ARG A 214 21.41 -26.83 27.80
CA ARG A 214 21.82 -28.13 27.30
C ARG A 214 21.14 -28.52 26.00
N ILE A 215 20.15 -27.77 25.53
CA ILE A 215 19.18 -28.33 24.59
C ILE A 215 19.93 -28.96 23.43
N ARG A 216 19.71 -30.25 23.23
CA ARG A 216 20.34 -30.98 22.13
C ARG A 216 19.25 -31.47 21.20
N ASN A 217 19.50 -31.33 19.90
CA ASN A 217 18.58 -31.79 18.89
C ASN A 217 19.29 -32.76 17.96
N THR A 218 18.53 -33.69 17.41
CA THR A 218 18.98 -34.55 16.32
C THR A 218 17.79 -34.75 15.39
N CYS A 219 17.88 -34.26 14.17
CA CYS A 219 16.82 -34.51 13.19
C CYS A 219 17.12 -35.79 12.43
N VAL A 220 16.11 -36.65 12.30
CA VAL A 220 16.21 -37.93 11.62
C VAL A 220 15.34 -37.89 10.38
N TYR A 221 15.99 -37.77 9.22
CA TYR A 221 15.33 -37.72 7.93
C TYR A 221 16.01 -38.71 6.99
N GLY A 222 15.40 -38.91 5.82
CA GLY A 222 15.81 -39.98 4.95
C GLY A 222 16.85 -39.57 3.92
N GLY A 223 17.59 -40.56 3.44
CA GLY A 223 18.68 -40.32 2.52
C GLY A 223 20.01 -39.97 3.12
N VAL A 224 20.28 -40.41 4.35
CA VAL A 224 21.57 -40.18 5.00
C VAL A 224 21.90 -41.44 5.80
N PRO A 225 23.13 -41.57 6.36
CA PRO A 225 23.45 -42.77 7.16
C PRO A 225 22.46 -43.12 8.26
N LYS A 226 21.84 -44.30 8.14
CA LYS A 226 20.82 -44.78 9.05
C LYS A 226 21.43 -45.49 10.27
N SER A 227 22.72 -45.30 10.52
CA SER A 227 23.34 -45.76 11.76
C SER A 227 24.19 -44.70 12.42
N GLN A 228 24.41 -43.55 11.77
CA GLN A 228 24.86 -42.35 12.45
C GLN A 228 23.67 -41.51 12.89
N GLN A 229 22.45 -42.00 12.67
CA GLN A 229 21.25 -41.49 13.30
C GLN A 229 20.77 -42.39 14.41
N ILE A 230 21.10 -43.69 14.34
CA ILE A 230 20.94 -44.56 15.50
C ILE A 230 21.90 -44.09 16.59
N ARG A 231 23.07 -43.61 16.18
CA ARG A 231 24.10 -43.12 17.07
C ARG A 231 23.83 -41.70 17.56
N ASP A 232 22.88 -40.98 16.95
CA ASP A 232 22.51 -39.66 17.42
C ASP A 232 21.23 -39.65 18.25
N LEU A 233 20.26 -40.51 17.91
CA LEU A 233 19.15 -40.83 18.80
C LEU A 233 19.58 -41.64 20.02
N SER A 234 20.81 -42.14 20.02
CA SER A 234 21.37 -42.87 21.16
C SER A 234 21.67 -41.98 22.36
N ARG A 235 21.80 -40.69 22.17
CA ARG A 235 22.63 -39.81 22.99
C ARG A 235 21.81 -38.64 23.52
N GLY A 236 20.61 -38.96 24.02
CA GLY A 236 19.77 -38.00 24.70
C GLY A 236 19.44 -36.65 24.08
N SER A 237 18.69 -36.67 22.97
CA SER A 237 18.22 -35.42 22.39
C SER A 237 16.92 -35.01 23.08
N GLU A 238 16.84 -33.73 23.46
CA GLU A 238 15.59 -33.17 23.97
C GLU A 238 14.65 -32.76 22.85
N ILE A 239 15.17 -32.46 21.67
CA ILE A 239 14.38 -32.08 20.50
C ILE A 239 14.69 -33.09 19.41
N VAL A 240 13.65 -33.66 18.83
CA VAL A 240 13.82 -34.54 17.67
C VAL A 240 12.92 -34.05 16.54
N ILE A 241 13.52 -33.67 15.42
CA ILE A 241 12.81 -33.31 14.21
C ILE A 241 12.85 -34.49 13.27
N ALA A 242 11.73 -34.82 12.63
CA ALA A 242 11.69 -36.06 11.86
C ALA A 242 10.72 -35.94 10.69
N THR A 243 11.17 -36.35 9.51
CA THR A 243 10.23 -36.77 8.48
C THR A 243 9.49 -38.01 8.97
N PRO A 244 8.19 -38.12 8.75
CA PRO A 244 7.43 -39.19 9.42
C PRO A 244 7.84 -40.59 8.97
N GLY A 245 8.29 -40.75 7.73
CA GLY A 245 8.85 -42.01 7.28
C GLY A 245 9.94 -42.56 8.20
N ARG A 246 11.06 -41.85 8.29
CA ARG A 246 12.18 -42.34 9.10
C ARG A 246 11.89 -42.33 10.60
N LEU A 247 10.87 -41.59 11.04
CA LEU A 247 10.53 -41.66 12.46
C LEU A 247 9.90 -43.01 12.80
N ILE A 248 9.30 -43.67 11.82
CA ILE A 248 8.64 -44.96 12.07
C ILE A 248 9.63 -46.11 11.89
N ASP A 249 10.71 -45.89 11.16
CA ASP A 249 11.76 -46.89 11.05
C ASP A 249 12.78 -46.80 12.16
N MET A 250 12.73 -45.73 12.97
CA MET A 250 13.45 -45.69 14.23
C MET A 250 12.59 -46.05 15.43
N LEU A 251 11.27 -46.15 15.28
CA LEU A 251 10.39 -46.50 16.38
C LEU A 251 9.98 -47.96 16.40
N GLU A 252 10.36 -48.74 15.39
CA GLU A 252 10.18 -50.18 15.41
C GLU A 252 11.45 -50.92 15.81
N ILE A 253 12.61 -50.41 15.37
CA ILE A 253 13.88 -50.74 16.01
C ILE A 253 13.90 -50.25 17.45
N GLY A 254 12.99 -49.35 17.81
CA GLY A 254 12.96 -48.82 19.16
C GLY A 254 14.26 -48.18 19.59
N LYS A 255 14.90 -47.46 18.67
CA LYS A 255 16.04 -46.63 19.06
C LYS A 255 15.61 -45.32 19.70
N THR A 256 14.32 -44.97 19.60
CA THR A 256 13.78 -43.79 20.23
C THR A 256 12.34 -44.07 20.64
N ASN A 257 11.78 -43.19 21.47
CA ASN A 257 10.44 -43.38 21.99
C ASN A 257 9.83 -42.02 22.26
N LEU A 258 8.50 -41.97 22.23
CA LEU A 258 7.75 -40.72 22.36
C LEU A 258 6.94 -40.66 23.64
N LYS A 259 7.40 -41.28 24.72
CA LYS A 259 6.59 -41.28 25.92
C LYS A 259 7.03 -40.20 26.91
N ARG A 260 7.93 -39.31 26.48
CA ARG A 260 8.13 -38.03 27.15
C ARG A 260 7.89 -36.88 26.19
N VAL A 261 7.13 -37.10 25.13
CA VAL A 261 6.79 -36.03 24.20
C VAL A 261 5.59 -35.30 24.79
N THR A 262 5.78 -34.02 25.10
CA THR A 262 4.74 -33.18 25.63
C THR A 262 4.42 -31.99 24.73
N TYR A 263 5.21 -31.79 23.68
CA TYR A 263 5.10 -30.61 22.82
C TYR A 263 5.33 -31.06 21.38
N LEU A 264 4.28 -31.02 20.57
CA LEU A 264 4.32 -31.56 19.21
C LEU A 264 4.06 -30.45 18.21
N VAL A 265 4.89 -30.40 17.18
CA VAL A 265 4.73 -29.44 16.09
C VAL A 265 4.68 -30.24 14.80
N LEU A 266 3.61 -30.06 14.03
CA LEU A 266 3.46 -30.58 12.69
C LEU A 266 3.62 -29.40 11.74
N ASP A 267 4.81 -29.25 11.15
CA ASP A 267 5.05 -28.14 10.25
C ASP A 267 4.70 -28.57 8.82
N GLU A 268 4.27 -27.60 8.02
CA GLU A 268 3.85 -27.82 6.63
C GLU A 268 2.95 -29.05 6.50
N ALA A 269 2.01 -29.19 7.44
CA ALA A 269 1.10 -30.34 7.48
C ALA A 269 0.49 -30.64 6.11
N ASP A 270 0.07 -29.61 5.38
CA ASP A 270 -0.63 -29.84 4.13
C ASP A 270 0.24 -30.63 3.15
N ARG A 271 1.49 -30.24 2.99
CA ARG A 271 2.34 -30.95 2.06
C ARG A 271 3.09 -32.10 2.72
N MET A 272 2.73 -32.43 3.97
CA MET A 272 3.11 -33.71 4.57
C MET A 272 2.13 -34.78 4.13
N LEU A 273 0.86 -34.42 3.98
CA LEU A 273 -0.14 -35.36 3.49
C LEU A 273 -0.10 -35.49 1.98
N ASP A 274 0.32 -34.43 1.28
CA ASP A 274 0.43 -34.44 -0.19
C ASP A 274 1.26 -35.61 -0.65
N MET A 275 2.43 -35.79 -0.03
CA MET A 275 3.31 -36.91 -0.31
C MET A 275 2.93 -38.15 0.50
N GLY A 276 1.71 -38.16 1.04
CA GLY A 276 1.13 -39.28 1.76
C GLY A 276 1.95 -39.83 2.91
N PHE A 277 2.37 -38.93 3.79
CA PHE A 277 2.85 -39.33 5.10
C PHE A 277 1.71 -39.43 6.11
N GLU A 278 0.47 -39.29 5.65
CA GLU A 278 -0.65 -39.30 6.58
C GLU A 278 -0.75 -40.59 7.36
N PRO A 279 -0.64 -41.78 6.76
CA PRO A 279 -0.57 -43.01 7.57
C PRO A 279 0.49 -42.93 8.67
N GLN A 280 1.74 -42.64 8.27
CA GLN A 280 2.82 -42.49 9.23
C GLN A 280 2.47 -41.51 10.35
N ILE A 281 2.15 -40.26 9.98
CA ILE A 281 1.83 -39.21 10.94
C ILE A 281 0.79 -39.70 11.95
N ARG A 282 -0.32 -40.23 11.44
CA ARG A 282 -1.44 -40.58 12.31
C ARG A 282 -1.05 -41.59 13.37
N LYS A 283 -0.09 -42.46 13.08
CA LYS A 283 0.31 -43.50 14.01
C LYS A 283 1.53 -43.12 14.83
N ILE A 284 1.97 -41.86 14.75
CA ILE A 284 2.98 -41.35 15.67
C ILE A 284 2.25 -40.49 16.68
N VAL A 285 1.15 -39.86 16.26
CA VAL A 285 0.43 -38.98 17.17
C VAL A 285 -0.45 -39.77 18.11
N ASP A 286 -0.87 -40.97 17.73
CA ASP A 286 -1.54 -41.85 18.68
C ASP A 286 -0.64 -42.19 19.85
N GLN A 287 0.64 -42.45 19.56
CA GLN A 287 1.62 -42.81 20.57
C GLN A 287 1.95 -41.70 21.56
N ILE A 288 1.53 -40.47 21.30
CA ILE A 288 1.86 -39.33 22.15
C ILE A 288 0.68 -39.01 23.06
N ARG A 289 0.98 -38.78 24.33
CA ARG A 289 -0.06 -38.50 25.33
C ARG A 289 -0.96 -37.37 24.87
N PRO A 290 -2.29 -37.51 25.02
CA PRO A 290 -3.21 -36.56 24.41
C PRO A 290 -3.45 -35.29 25.21
N ASP A 291 -2.77 -35.08 26.32
CA ASP A 291 -2.81 -33.81 27.03
C ASP A 291 -1.64 -32.92 26.64
N ARG A 292 -0.92 -33.30 25.58
CA ARG A 292 0.17 -32.52 25.05
C ARG A 292 -0.32 -31.17 24.55
N GLN A 293 0.62 -30.27 24.33
CA GLN A 293 0.39 -29.10 23.52
C GLN A 293 0.74 -29.45 22.09
N THR A 294 -0.08 -28.99 21.15
CA THR A 294 0.07 -29.37 19.76
C THR A 294 -0.06 -28.14 18.88
N LEU A 295 0.92 -27.93 18.01
CA LEU A 295 0.94 -26.82 17.08
C LEU A 295 1.07 -27.38 15.67
N MET A 296 0.29 -26.85 14.75
CA MET A 296 0.24 -27.38 13.39
C MET A 296 0.18 -26.22 12.41
N TRP A 297 1.08 -26.22 11.43
CA TRP A 297 1.11 -25.16 10.42
C TRP A 297 0.78 -25.72 9.03
N SER A 298 0.05 -24.93 8.24
CA SER A 298 -0.41 -25.36 6.92
C SER A 298 -0.59 -24.16 6.01
N ALA A 299 -0.19 -24.30 4.75
CA ALA A 299 -0.42 -23.26 3.75
C ALA A 299 -1.79 -23.34 3.10
N THR A 300 -2.21 -24.54 2.68
CA THR A 300 -3.53 -24.78 2.11
C THR A 300 -4.45 -25.33 3.20
N TRP A 301 -5.70 -25.59 2.82
CA TRP A 301 -6.74 -26.04 3.75
C TRP A 301 -7.55 -27.14 3.09
N PRO A 302 -6.95 -28.32 2.88
CA PRO A 302 -7.70 -29.45 2.36
C PRO A 302 -8.63 -30.06 3.40
N LYS A 303 -9.50 -30.95 2.91
CA LYS A 303 -10.42 -31.68 3.80
C LYS A 303 -9.66 -32.49 4.83
N GLU A 304 -8.47 -33.02 4.50
CA GLU A 304 -7.75 -33.90 5.41
C GLU A 304 -6.93 -33.11 6.43
N VAL A 305 -6.35 -31.98 6.03
CA VAL A 305 -5.74 -31.06 7.00
C VAL A 305 -6.79 -30.59 7.98
N LYS A 306 -7.99 -30.26 7.49
CA LYS A 306 -9.10 -29.88 8.36
C LYS A 306 -9.40 -30.99 9.38
N GLN A 307 -9.36 -32.25 8.93
CA GLN A 307 -9.68 -33.35 9.83
C GLN A 307 -8.49 -33.72 10.71
N LEU A 308 -7.28 -33.70 10.16
CA LEU A 308 -6.08 -33.90 10.96
C LEU A 308 -6.06 -32.95 12.15
N ALA A 309 -6.34 -31.68 11.90
CA ALA A 309 -6.46 -30.70 12.98
C ALA A 309 -7.60 -31.05 13.92
N ALA A 310 -8.71 -31.53 13.36
CA ALA A 310 -9.86 -31.90 14.18
C ALA A 310 -9.53 -33.07 15.09
N ASP A 311 -8.87 -34.11 14.57
CA ASP A 311 -8.63 -35.32 15.35
C ASP A 311 -7.59 -35.08 16.44
N TYR A 312 -6.50 -34.39 16.11
CA TYR A 312 -5.29 -34.40 16.92
C TYR A 312 -5.04 -33.08 17.63
N LEU A 313 -6.03 -32.20 17.70
CA LEU A 313 -5.87 -31.02 18.54
C LEU A 313 -6.89 -31.03 19.67
N ASN A 314 -6.84 -29.98 20.48
CA ASN A 314 -7.70 -29.88 21.65
C ASN A 314 -7.87 -28.40 22.00
N ASP A 315 -9.07 -27.88 21.75
CA ASP A 315 -9.38 -26.47 21.97
C ASP A 315 -8.30 -25.58 21.37
N PRO A 316 -8.13 -25.59 20.05
CA PRO A 316 -7.07 -24.79 19.43
C PRO A 316 -7.55 -23.41 19.03
N ILE A 317 -6.60 -22.48 19.01
CA ILE A 317 -6.83 -21.21 18.32
C ILE A 317 -6.50 -21.41 16.85
N GLN A 318 -7.23 -20.71 15.98
CA GLN A 318 -6.99 -20.73 14.55
C GLN A 318 -6.45 -19.37 14.16
N VAL A 319 -5.19 -19.30 13.74
CA VAL A 319 -4.60 -18.07 13.26
C VAL A 319 -4.32 -18.24 11.77
N GLN A 320 -4.78 -17.29 10.96
CA GLN A 320 -4.41 -17.22 9.56
C GLN A 320 -3.70 -15.91 9.31
N VAL A 321 -2.45 -15.97 8.88
CA VAL A 321 -1.68 -14.79 8.53
C VAL A 321 -1.71 -14.54 7.03
N GLY A 322 -1.52 -15.58 6.23
CA GLY A 322 -1.44 -15.41 4.80
C GLY A 322 -2.73 -15.00 4.14
N SER A 323 -2.79 -15.18 2.83
CA SER A 323 -3.93 -14.83 2.02
C SER A 323 -4.37 -16.01 1.18
N LEU A 324 -4.35 -17.22 1.75
CA LEU A 324 -4.80 -18.40 1.02
C LEU A 324 -4.01 -18.55 -0.28
N GLU A 325 -2.70 -18.75 -0.10
CA GLU A 325 -1.62 -18.34 -0.99
C GLU A 325 -1.79 -18.91 -2.40
N LEU A 326 -1.07 -18.27 -3.32
CA LEU A 326 -1.30 -18.31 -4.75
C LEU A 326 -0.12 -18.99 -5.44
N SER A 327 -0.37 -19.44 -6.68
CA SER A 327 0.40 -20.51 -7.28
C SER A 327 1.87 -20.13 -7.46
N ALA A 328 2.15 -19.05 -8.20
CA ALA A 328 3.50 -18.75 -8.66
C ALA A 328 4.07 -19.97 -9.40
N SER A 329 3.38 -20.32 -10.49
CA SER A 329 3.49 -21.63 -11.13
C SER A 329 4.93 -22.07 -11.32
N HIS A 330 5.17 -23.35 -10.99
CA HIS A 330 6.50 -23.94 -10.85
C HIS A 330 7.16 -24.22 -12.19
N ASN A 331 6.51 -23.88 -13.30
CA ASN A 331 7.11 -23.96 -14.62
C ASN A 331 8.10 -22.83 -14.87
N ILE A 332 8.19 -21.88 -13.95
CA ILE A 332 9.00 -20.68 -14.09
C ILE A 332 10.22 -20.79 -13.20
N THR A 333 11.39 -20.44 -13.76
CA THR A 333 12.61 -20.30 -13.00
C THR A 333 12.78 -18.83 -12.66
N GLN A 334 13.26 -18.56 -11.45
CA GLN A 334 13.26 -17.20 -10.92
C GLN A 334 14.70 -16.82 -10.60
N ILE A 335 15.13 -15.68 -11.14
CA ILE A 335 16.47 -15.17 -10.95
C ILE A 335 16.34 -13.85 -10.22
N VAL A 336 16.79 -13.81 -8.97
CA VAL A 336 16.88 -12.58 -8.21
C VAL A 336 18.35 -12.23 -8.07
N GLU A 337 18.65 -10.93 -8.09
CA GLU A 337 20.01 -10.44 -7.91
C GLU A 337 19.96 -9.22 -7.02
N VAL A 338 20.65 -9.26 -5.88
CA VAL A 338 20.71 -8.07 -5.03
C VAL A 338 21.74 -7.13 -5.65
N VAL A 339 21.29 -5.93 -5.99
CA VAL A 339 22.08 -4.98 -6.76
C VAL A 339 21.73 -3.58 -6.26
N SER A 340 22.51 -2.59 -6.66
CA SER A 340 22.09 -1.22 -6.45
C SER A 340 21.26 -0.72 -7.64
N ASP A 341 20.49 0.34 -7.40
CA ASP A 341 19.88 1.08 -8.51
C ASP A 341 20.93 1.51 -9.53
N PHE A 342 22.12 1.85 -9.06
CA PHE A 342 23.17 2.42 -9.90
C PHE A 342 23.59 1.46 -11.01
N GLU A 343 24.09 0.29 -10.65
CA GLU A 343 24.72 -0.65 -11.57
C GLU A 343 23.70 -1.54 -12.31
N LYS A 344 22.43 -1.12 -12.28
CA LYS A 344 21.30 -1.96 -12.65
C LYS A 344 21.14 -2.04 -14.17
N ARG A 345 21.23 -0.89 -14.86
CA ARG A 345 21.24 -0.90 -16.32
C ARG A 345 22.31 -1.85 -16.86
N ASP A 346 23.48 -1.88 -16.20
CA ASP A 346 24.56 -2.78 -16.59
C ASP A 346 24.11 -4.23 -16.69
N ARG A 347 23.34 -4.70 -15.71
CA ARG A 347 22.92 -6.09 -15.72
C ARG A 347 21.68 -6.33 -16.56
N LEU A 348 20.97 -5.27 -16.97
CA LEU A 348 19.91 -5.42 -17.96
C LEU A 348 20.47 -6.09 -19.23
N ASN A 349 21.50 -5.47 -19.81
CA ASN A 349 22.08 -5.95 -21.06
C ASN A 349 22.54 -7.40 -20.94
N LYS A 350 23.19 -7.76 -19.84
CA LYS A 350 23.70 -9.12 -19.64
C LYS A 350 22.60 -10.16 -19.82
N TYR A 351 21.43 -9.93 -19.21
CA TYR A 351 20.35 -10.88 -19.34
C TYR A 351 19.55 -10.66 -20.62
N LEU A 352 19.41 -9.41 -21.06
CA LEU A 352 18.73 -9.12 -22.32
C LEU A 352 19.36 -9.89 -23.48
N GLU A 353 20.69 -10.01 -23.48
CA GLU A 353 21.37 -10.73 -24.55
C GLU A 353 21.38 -12.25 -24.29
N THR A 354 21.36 -12.65 -23.02
CA THR A 354 21.22 -14.07 -22.70
C THR A 354 19.91 -14.62 -23.25
N ALA A 355 18.85 -13.81 -23.22
CA ALA A 355 17.58 -14.21 -23.79
C ALA A 355 17.55 -13.97 -25.29
N SER A 356 18.19 -12.88 -25.74
CA SER A 356 18.10 -12.45 -27.12
C SER A 356 18.96 -13.27 -28.06
N GLN A 357 19.59 -14.35 -27.62
CA GLN A 357 19.91 -15.39 -28.59
C GLN A 357 19.15 -16.64 -28.18
N ASP A 358 17.91 -16.69 -28.67
CA ASP A 358 17.12 -17.87 -28.98
C ASP A 358 15.99 -17.26 -29.80
N ASN A 359 15.66 -17.79 -30.98
CA ASN A 359 14.56 -17.22 -31.73
C ASN A 359 13.32 -18.07 -31.56
N GLU A 360 12.16 -17.42 -31.48
CA GLU A 360 12.03 -15.97 -31.37
C GLU A 360 11.70 -15.56 -29.93
N TYR A 361 12.70 -15.10 -29.19
CA TYR A 361 12.50 -14.67 -27.81
C TYR A 361 11.47 -13.53 -27.74
N LYS A 362 10.86 -13.38 -26.57
CA LYS A 362 9.94 -12.27 -26.34
C LYS A 362 10.03 -11.87 -24.86
N THR A 363 10.83 -10.85 -24.55
CA THR A 363 11.00 -10.41 -23.17
C THR A 363 10.08 -9.25 -22.80
N LEU A 364 9.72 -9.19 -21.53
CA LEU A 364 8.85 -8.16 -20.96
C LEU A 364 9.59 -7.48 -19.81
N ILE A 365 9.79 -6.17 -19.90
CA ILE A 365 10.53 -5.42 -18.88
C ILE A 365 9.57 -4.52 -18.12
N PHE A 366 9.72 -4.49 -16.79
CA PHE A 366 8.93 -3.65 -15.89
C PHE A 366 9.81 -2.63 -15.18
N ALA A 367 9.30 -1.41 -15.02
CA ALA A 367 9.98 -0.38 -14.24
C ALA A 367 8.93 0.42 -13.48
N SER A 368 9.40 1.16 -12.47
CA SER A 368 8.47 1.73 -11.49
C SER A 368 7.66 2.88 -12.10
N THR A 369 8.33 3.93 -12.57
CA THR A 369 7.65 5.04 -13.22
C THR A 369 7.35 4.67 -14.67
N LYS A 370 6.44 5.41 -15.30
CA LYS A 370 6.37 5.33 -16.75
C LYS A 370 7.41 6.25 -17.41
N ARG A 371 7.88 7.27 -16.68
CA ARG A 371 9.00 8.06 -17.13
C ARG A 371 10.25 7.21 -17.29
N MET A 372 10.40 6.18 -16.45
CA MET A 372 11.53 5.28 -16.50
C MET A 372 11.23 4.01 -17.28
N CYS A 373 10.31 4.09 -18.24
CA CYS A 373 10.27 3.14 -19.36
C CYS A 373 10.60 3.82 -20.67
N ASP A 374 10.60 5.16 -20.68
CA ASP A 374 11.13 5.93 -21.80
C ASP A 374 12.64 5.99 -21.71
N ASP A 375 13.17 6.35 -20.55
CA ASP A 375 14.61 6.40 -20.38
C ASP A 375 15.22 5.01 -20.51
N ILE A 376 14.44 3.97 -20.25
CA ILE A 376 14.92 2.60 -20.37
C ILE A 376 14.85 2.14 -21.82
N THR A 377 13.87 2.61 -22.58
CA THR A 377 13.81 2.24 -23.99
C THR A 377 14.62 3.19 -24.86
N LYS A 378 14.66 4.49 -24.52
CA LYS A 378 15.56 5.40 -25.23
C LYS A 378 17.01 4.95 -25.10
N TYR A 379 17.35 4.31 -23.98
CA TYR A 379 18.67 3.72 -23.82
C TYR A 379 18.79 2.43 -24.63
N LEU A 380 17.71 1.65 -24.70
CA LEU A 380 17.82 0.28 -25.18
C LEU A 380 17.77 0.21 -26.71
N ARG A 381 17.05 1.11 -27.35
CA ARG A 381 17.05 1.16 -28.81
C ARG A 381 18.20 1.99 -29.35
N GLU A 382 18.87 2.75 -28.50
CA GLU A 382 20.01 3.55 -28.94
C GLU A 382 21.24 2.71 -29.24
N ASP A 383 21.35 1.49 -28.71
CA ASP A 383 22.30 0.52 -29.25
C ASP A 383 21.58 -0.63 -29.94
N GLY A 384 20.48 -0.31 -30.62
CA GLY A 384 19.78 -1.19 -31.56
C GLY A 384 18.97 -2.34 -30.99
N TRP A 385 18.29 -2.12 -29.88
CA TRP A 385 17.32 -3.12 -29.43
C TRP A 385 15.94 -2.76 -29.97
N PRO A 386 15.19 -3.70 -30.53
CA PRO A 386 13.83 -3.38 -30.97
C PRO A 386 12.89 -3.22 -29.78
N ALA A 387 13.02 -2.08 -29.10
CA ALA A 387 12.34 -1.83 -27.83
C ALA A 387 11.31 -0.72 -27.98
N LEU A 388 10.09 -0.97 -27.50
CA LEU A 388 9.04 0.03 -27.47
C LEU A 388 8.48 0.13 -26.06
N ALA A 389 8.19 1.35 -25.62
CA ALA A 389 7.59 1.58 -24.31
C ALA A 389 6.08 1.63 -24.41
N ILE A 390 5.40 1.08 -23.40
CA ILE A 390 3.95 1.15 -23.24
C ILE A 390 3.62 1.86 -21.93
N HIS A 391 2.68 2.80 -21.98
CA HIS A 391 2.19 3.50 -20.80
C HIS A 391 1.01 4.36 -21.22
N GLY A 392 0.27 4.83 -20.21
CA GLY A 392 -0.91 5.65 -20.41
C GLY A 392 -0.68 7.14 -20.38
N ASP A 393 0.54 7.57 -20.05
CA ASP A 393 0.89 8.98 -20.14
C ASP A 393 0.49 9.56 -21.48
N LYS A 394 0.85 8.89 -22.57
CA LYS A 394 0.61 9.39 -23.91
C LYS A 394 -0.21 8.43 -24.76
N ASP A 395 -1.02 9.02 -25.64
CA ASP A 395 -1.36 8.45 -26.95
C ASP A 395 -1.81 7.00 -26.89
N GLN A 396 -2.92 6.75 -26.18
CA GLN A 396 -3.49 5.41 -26.27
C GLN A 396 -4.08 5.12 -27.64
N ARG A 397 -4.00 6.07 -28.56
CA ARG A 397 -4.20 5.76 -29.97
C ARG A 397 -3.17 4.75 -30.44
N GLU A 398 -1.89 5.13 -30.36
CA GLU A 398 -0.80 4.31 -30.84
C GLU A 398 -0.12 3.51 -29.73
N ARG A 399 -0.89 3.13 -28.71
CA ARG A 399 -0.40 2.25 -27.67
C ARG A 399 -0.69 0.78 -27.94
N ASP A 400 -1.65 0.47 -28.82
CA ASP A 400 -2.05 -0.91 -29.05
C ASP A 400 -1.65 -1.45 -30.42
N TRP A 401 -0.69 -0.82 -31.11
CA TRP A 401 0.05 -1.52 -32.16
C TRP A 401 1.45 -1.86 -31.70
N VAL A 402 1.74 -1.65 -30.42
CA VAL A 402 2.97 -2.13 -29.84
C VAL A 402 2.83 -3.62 -29.64
N LEU A 403 1.59 -4.08 -29.53
CA LEU A 403 1.22 -5.45 -29.29
C LEU A 403 0.83 -6.19 -30.56
N GLN A 404 0.26 -5.49 -31.56
CA GLN A 404 0.19 -6.06 -32.89
C GLN A 404 1.58 -6.26 -33.48
N GLU A 405 2.58 -5.56 -32.93
CA GLU A 405 3.97 -5.85 -33.23
C GLU A 405 4.71 -6.30 -31.98
N PHE A 406 4.07 -7.10 -31.15
CA PHE A 406 4.77 -7.79 -30.07
C PHE A 406 4.58 -9.30 -30.10
N ARG A 407 3.39 -9.78 -30.47
CA ARG A 407 3.12 -11.21 -30.53
C ARG A 407 3.47 -11.83 -31.88
N ASN A 408 4.11 -11.07 -32.77
CA ASN A 408 4.71 -11.59 -34.00
C ASN A 408 6.21 -11.80 -33.87
N GLY A 409 6.95 -10.76 -33.49
CA GLY A 409 8.39 -10.76 -33.49
C GLY A 409 8.95 -9.49 -34.07
N ARG A 410 8.06 -8.56 -34.44
CA ARG A 410 8.49 -7.27 -34.96
C ARG A 410 9.32 -6.51 -33.93
N SER A 411 8.86 -6.48 -32.68
CA SER A 411 9.62 -5.91 -31.57
C SER A 411 9.49 -6.87 -30.40
N PRO A 412 10.47 -7.75 -30.20
CA PRO A 412 10.32 -8.78 -29.16
C PRO A 412 10.30 -8.22 -27.76
N ILE A 413 10.97 -7.09 -27.52
CA ILE A 413 11.13 -6.57 -26.18
C ILE A 413 10.20 -5.36 -26.01
N MET A 414 9.31 -5.45 -25.02
CA MET A 414 8.39 -4.39 -24.66
C MET A 414 8.55 -4.04 -23.19
N VAL A 415 8.67 -2.76 -22.88
CA VAL A 415 8.90 -2.31 -21.51
C VAL A 415 7.68 -1.50 -21.07
N ALA A 416 7.22 -1.76 -19.84
CA ALA A 416 5.95 -1.25 -19.36
C ALA A 416 5.99 -1.11 -17.85
N THR A 417 4.94 -0.48 -17.31
CA THR A 417 4.76 -0.31 -15.88
C THR A 417 3.72 -1.30 -15.35
N ASP A 418 3.61 -1.34 -14.02
CA ASP A 418 2.60 -2.19 -13.39
C ASP A 418 1.21 -1.69 -13.70
N VAL A 419 0.99 -0.38 -13.64
CA VAL A 419 -0.31 0.19 -13.97
C VAL A 419 -0.65 -0.08 -15.43
N ALA A 420 0.36 -0.07 -16.31
CA ALA A 420 0.17 -0.41 -17.71
C ALA A 420 -0.09 -1.90 -17.91
N ALA A 421 0.29 -2.75 -16.95
CA ALA A 421 0.08 -4.20 -17.02
C ALA A 421 -1.39 -4.49 -16.71
N ARG A 422 -2.23 -4.21 -17.70
CA ARG A 422 -3.68 -4.24 -17.54
C ARG A 422 -4.28 -5.13 -18.62
N GLY A 423 -4.77 -6.30 -18.19
CA GLY A 423 -5.62 -7.18 -18.97
C GLY A 423 -5.26 -7.43 -20.44
N ILE A 424 -3.97 -7.50 -20.74
CA ILE A 424 -3.49 -7.87 -22.07
C ILE A 424 -2.97 -9.30 -22.04
N ASP A 425 -3.42 -10.12 -22.99
CA ASP A 425 -3.05 -11.53 -23.09
C ASP A 425 -2.17 -11.71 -24.32
N VAL A 426 -0.86 -11.57 -24.13
CA VAL A 426 0.12 -11.71 -25.21
C VAL A 426 1.03 -12.89 -24.91
N LYS A 427 0.50 -13.88 -24.20
CA LYS A 427 1.32 -14.94 -23.63
C LYS A 427 2.11 -15.70 -24.69
N GLY A 428 3.39 -15.93 -24.39
CA GLY A 428 4.43 -16.30 -25.32
C GLY A 428 5.65 -15.52 -24.89
N ILE A 429 5.45 -14.69 -23.87
CA ILE A 429 6.51 -13.88 -23.27
C ILE A 429 7.51 -14.78 -22.57
N ASN A 430 8.76 -14.75 -23.04
CA ASN A 430 9.90 -15.43 -22.45
C ASN A 430 10.77 -14.44 -21.69
N TYR A 431 11.41 -14.90 -20.60
CA TYR A 431 12.48 -14.11 -20.00
C TYR A 431 12.02 -12.70 -19.57
N VAL A 432 11.07 -12.66 -18.62
CA VAL A 432 10.50 -11.39 -18.14
C VAL A 432 11.36 -10.87 -16.99
N ILE A 433 11.58 -9.55 -17.00
CA ILE A 433 12.64 -8.87 -16.27
C ILE A 433 12.07 -7.69 -15.48
N ASN A 434 12.11 -7.78 -14.15
CA ASN A 434 11.72 -6.69 -13.27
C ASN A 434 12.90 -5.75 -13.07
N TYR A 435 13.00 -4.73 -13.94
CA TYR A 435 14.05 -3.72 -13.77
C TYR A 435 13.89 -3.01 -12.43
N ASP A 436 12.68 -2.56 -12.11
CA ASP A 436 12.40 -1.89 -10.86
C ASP A 436 11.48 -2.78 -10.04
N MET A 437 11.92 -3.11 -8.83
CA MET A 437 11.17 -4.03 -7.98
C MET A 437 9.87 -3.37 -7.50
N PRO A 438 8.73 -4.05 -7.61
CA PRO A 438 7.45 -3.45 -7.21
C PRO A 438 7.31 -3.35 -5.69
N GLY A 439 6.23 -2.74 -5.23
CA GLY A 439 6.06 -2.42 -3.83
C GLY A 439 5.33 -3.51 -3.05
N ASN A 440 4.43 -4.23 -3.71
CA ASN A 440 3.78 -5.39 -3.11
C ASN A 440 4.28 -6.66 -3.77
N ILE A 441 3.84 -7.80 -3.23
CA ILE A 441 4.22 -9.10 -3.75
C ILE A 441 3.12 -9.73 -4.61
N GLU A 442 1.89 -9.25 -4.48
CA GLU A 442 0.82 -9.74 -5.35
C GLU A 442 0.96 -9.23 -6.78
N ASP A 443 1.81 -8.23 -7.01
CA ASP A 443 2.16 -7.76 -8.34
C ASP A 443 3.33 -8.53 -8.93
N TYR A 444 4.39 -8.74 -8.13
CA TYR A 444 5.49 -9.61 -8.56
C TYR A 444 4.95 -10.92 -9.12
N VAL A 445 4.00 -11.54 -8.42
CA VAL A 445 3.46 -12.81 -8.88
C VAL A 445 2.50 -12.60 -10.05
N HIS A 446 1.92 -11.41 -10.16
CA HIS A 446 1.15 -11.07 -11.35
C HIS A 446 2.06 -10.67 -12.51
N ARG A 447 3.21 -10.04 -12.20
CA ARG A 447 4.22 -9.76 -13.22
C ARG A 447 4.76 -11.04 -13.87
N ILE A 448 5.38 -11.90 -13.05
CA ILE A 448 6.08 -13.08 -13.56
C ILE A 448 5.15 -14.21 -14.00
N GLY A 449 3.85 -14.04 -13.88
CA GLY A 449 2.94 -15.13 -14.22
C GLY A 449 2.65 -15.28 -15.69
N ARG A 450 2.98 -14.27 -16.49
CA ARG A 450 2.71 -14.26 -17.92
C ARG A 450 3.69 -15.10 -18.74
N THR A 451 4.66 -15.77 -18.13
CA THR A 451 5.55 -16.63 -18.90
C THR A 451 5.43 -18.10 -18.51
N GLY A 452 5.48 -18.96 -19.53
CA GLY A 452 5.49 -20.40 -19.39
C GLY A 452 4.24 -21.04 -18.82
N ARG A 453 3.07 -20.93 -19.45
CA ARG A 453 1.96 -21.79 -19.05
C ARG A 453 1.55 -22.81 -20.09
N ALA A 454 1.24 -22.37 -21.33
CA ALA A 454 1.12 -23.31 -22.43
C ALA A 454 2.44 -24.01 -22.71
N GLY A 455 3.45 -23.22 -23.05
CA GLY A 455 4.84 -23.60 -23.20
C GLY A 455 5.48 -23.65 -21.84
N ALA A 456 5.14 -24.65 -21.04
CA ALA A 456 5.12 -24.50 -19.59
C ALA A 456 6.55 -24.53 -19.05
N THR A 457 7.26 -23.45 -19.39
CA THR A 457 8.60 -23.14 -18.94
C THR A 457 8.90 -21.70 -19.33
N GLY A 458 9.65 -21.00 -18.48
CA GLY A 458 9.93 -19.60 -18.66
C GLY A 458 10.94 -19.17 -17.62
N THR A 459 11.41 -17.93 -17.75
CA THR A 459 12.39 -17.40 -16.81
C THR A 459 11.96 -16.01 -16.35
N ALA A 460 12.35 -15.66 -15.13
CA ALA A 460 12.01 -14.38 -14.51
C ALA A 460 13.25 -13.83 -13.82
N ILE A 461 13.58 -12.58 -14.11
CA ILE A 461 14.79 -11.93 -13.58
C ILE A 461 14.37 -10.67 -12.83
N SER A 462 14.83 -10.55 -11.59
CA SER A 462 14.42 -9.47 -10.70
C SER A 462 15.63 -8.70 -10.22
N PHE A 463 15.58 -7.37 -10.32
CA PHE A 463 16.67 -6.50 -9.85
C PHE A 463 16.26 -5.92 -8.49
N PHE A 464 16.64 -6.64 -7.44
CA PHE A 464 16.32 -6.33 -6.04
C PHE A 464 17.35 -5.38 -5.42
N THR A 465 16.87 -4.29 -4.83
CA THR A 465 17.77 -3.39 -4.12
C THR A 465 17.22 -3.10 -2.72
N GLU A 466 17.93 -2.22 -1.99
CA GLU A 466 17.60 -1.92 -0.59
C GLU A 466 16.27 -1.20 -0.40
N GLN A 467 15.74 -0.57 -1.45
CA GLN A 467 14.46 0.12 -1.32
C GLN A 467 13.29 -0.83 -1.51
N ASN A 468 13.61 -2.12 -1.44
CA ASN A 468 12.63 -3.20 -1.44
C ASN A 468 12.69 -4.01 -0.15
N LYS A 469 13.39 -3.51 0.87
CA LYS A 469 13.65 -4.23 2.11
C LYS A 469 12.41 -4.95 2.64
N GLY A 470 11.35 -4.19 2.91
CA GLY A 470 10.09 -4.75 3.38
C GLY A 470 9.51 -5.83 2.48
N LEU A 471 10.05 -5.99 1.27
CA LEU A 471 9.60 -7.02 0.36
C LEU A 471 10.58 -8.19 0.26
N GLY A 472 11.80 -8.02 0.78
CA GLY A 472 12.73 -9.14 0.88
C GLY A 472 12.14 -10.36 1.55
N ALA A 473 11.57 -10.18 2.74
CA ALA A 473 11.02 -11.30 3.49
C ALA A 473 9.95 -12.05 2.70
N LYS A 474 8.92 -11.34 2.27
CA LYS A 474 7.82 -11.99 1.58
C LYS A 474 8.27 -12.63 0.27
N LEU A 475 9.33 -12.10 -0.34
CA LEU A 475 9.76 -12.58 -1.65
C LEU A 475 10.37 -13.97 -1.56
N ILE A 476 11.18 -14.21 -0.52
CA ILE A 476 11.78 -15.53 -0.32
C ILE A 476 10.71 -16.59 -0.11
N SER A 477 9.60 -16.22 0.54
CA SER A 477 8.49 -17.14 0.75
C SER A 477 7.77 -17.52 -0.55
N ILE A 478 8.08 -16.88 -1.67
CA ILE A 478 7.49 -17.24 -2.95
C ILE A 478 8.39 -18.19 -3.73
N MET A 479 9.67 -18.26 -3.38
CA MET A 479 10.67 -19.09 -4.03
C MET A 479 10.73 -20.48 -3.41
N ARG A 480 10.69 -20.58 -2.08
CA ARG A 480 10.68 -21.88 -1.44
C ARG A 480 9.34 -22.58 -1.57
N GLU A 481 8.28 -21.82 -1.83
CA GLU A 481 7.03 -22.42 -2.27
C GLU A 481 7.21 -23.13 -3.61
N ALA A 482 8.06 -22.59 -4.48
CA ALA A 482 8.29 -23.13 -5.81
C ALA A 482 9.60 -23.90 -5.90
N ASN A 483 10.25 -24.14 -4.76
CA ASN A 483 11.49 -24.93 -4.68
C ASN A 483 12.51 -24.42 -5.70
N GLN A 484 12.88 -23.17 -5.54
CA GLN A 484 13.78 -22.46 -6.44
C GLN A 484 15.00 -21.96 -5.68
N ASN A 485 16.11 -21.83 -6.41
CA ASN A 485 17.37 -21.42 -5.80
C ASN A 485 17.25 -19.97 -5.35
N ILE A 486 17.78 -19.70 -4.16
CA ILE A 486 17.69 -18.39 -3.51
C ILE A 486 19.09 -17.77 -3.47
N PRO A 487 19.27 -16.57 -3.99
CA PRO A 487 20.56 -15.86 -3.91
C PRO A 487 21.13 -15.89 -2.51
N PRO A 488 22.43 -16.16 -2.39
CA PRO A 488 23.05 -16.29 -1.06
C PRO A 488 22.97 -15.04 -0.20
N GLU A 489 22.84 -13.85 -0.79
CA GLU A 489 22.78 -12.63 0.02
C GLU A 489 21.57 -11.79 -0.36
N LEU A 490 20.50 -12.48 -0.78
CA LEU A 490 19.12 -12.04 -0.63
C LEU A 490 18.48 -12.68 0.60
N LEU A 491 19.10 -13.76 1.09
CA LEU A 491 18.62 -14.55 2.22
C LEU A 491 18.65 -13.78 3.54
N LYS A 492 19.32 -12.63 3.58
CA LYS A 492 19.46 -11.87 4.82
C LYS A 492 18.20 -11.12 5.18
N TYR A 493 17.12 -11.33 4.41
CA TYR A 493 15.79 -10.85 4.73
C TYR A 493 14.87 -12.00 5.12
N ASP A 494 15.43 -13.11 5.62
CA ASP A 494 14.68 -14.36 5.70
C ASP A 494 13.53 -14.26 6.70
N ARG A 495 13.83 -13.91 7.95
CA ARG A 495 12.78 -13.64 8.93
C ARG A 495 12.86 -12.19 9.38
N ARG A 496 11.94 -11.81 10.25
CA ARG A 496 11.72 -10.40 10.62
C ARG A 496 11.48 -9.52 9.40
N GLU B 57 -3.90 64.67 4.21
CA GLU B 57 -3.31 63.38 3.89
C GLU B 57 -3.50 62.40 5.04
N LEU B 58 -2.66 62.58 6.06
CA LEU B 58 -2.63 61.68 7.21
C LEU B 58 -4.01 61.36 7.77
N ILE B 59 -4.86 62.37 7.91
CA ILE B 59 -5.70 62.48 9.10
C ILE B 59 -6.38 61.17 9.45
N LYS B 60 -6.21 60.77 10.71
CA LYS B 60 -6.81 59.57 11.26
C LYS B 60 -7.98 59.95 12.18
N PRO B 61 -9.23 59.63 11.84
CA PRO B 61 -10.29 59.92 12.81
C PRO B 61 -10.06 59.10 14.07
N ASN B 62 -10.64 59.58 15.18
CA ASN B 62 -10.67 58.80 16.40
C ASN B 62 -11.99 58.06 16.43
N TRP B 63 -11.95 56.76 16.69
CA TRP B 63 -13.17 55.98 16.54
C TRP B 63 -13.93 55.95 17.87
N ASP B 64 -14.42 57.13 18.23
CA ASP B 64 -15.69 57.33 18.92
C ASP B 64 -16.66 58.09 18.04
N GLU B 65 -16.20 59.22 17.46
CA GLU B 65 -16.95 59.92 16.42
C GLU B 65 -17.42 58.96 15.31
N GLU B 66 -16.49 58.28 14.66
CA GLU B 66 -16.78 57.59 13.41
C GLU B 66 -17.37 56.20 13.59
N LEU B 67 -17.18 55.55 14.75
CA LEU B 67 -17.51 54.13 14.83
C LEU B 67 -19.01 53.86 14.85
N PRO B 68 -19.83 54.50 15.70
CA PRO B 68 -21.28 54.23 15.66
C PRO B 68 -21.97 54.72 14.40
N LYS B 69 -21.26 55.38 13.48
CA LYS B 69 -21.87 55.82 12.22
C LYS B 69 -21.85 54.77 11.11
N LEU B 70 -21.22 53.60 11.32
CA LEU B 70 -21.37 52.52 10.36
C LEU B 70 -21.03 51.17 10.99
N PRO B 71 -21.90 50.64 11.88
CA PRO B 71 -21.73 49.28 12.42
C PRO B 71 -22.33 48.19 11.52
N THR B 72 -21.95 48.18 10.25
CA THR B 72 -22.66 47.41 9.24
C THR B 72 -21.96 46.09 8.89
N PHE B 73 -21.28 45.45 9.85
CA PHE B 73 -20.55 44.23 9.55
C PHE B 73 -20.99 43.09 10.46
N GLU B 74 -20.94 41.89 9.90
CA GLU B 74 -20.96 40.63 10.64
C GLU B 74 -19.71 39.85 10.24
N LYS B 75 -19.12 39.11 11.17
CA LYS B 75 -17.93 38.34 10.79
C LYS B 75 -17.92 36.92 11.35
N ASN B 76 -19.06 36.37 11.78
CA ASN B 76 -19.07 34.99 12.25
C ASN B 76 -19.84 34.12 11.27
N PHE B 77 -19.16 33.05 10.85
CA PHE B 77 -19.58 32.05 9.89
C PHE B 77 -19.06 30.73 10.44
N TYR B 78 -19.09 29.67 9.64
CA TYR B 78 -18.55 28.39 10.09
C TYR B 78 -19.24 27.88 11.37
N VAL B 79 -20.53 27.63 11.25
CA VAL B 79 -21.14 26.79 12.26
C VAL B 79 -20.65 25.36 12.02
N GLU B 80 -20.34 24.65 13.10
CA GLU B 80 -19.23 23.70 13.17
C GLU B 80 -19.78 22.28 13.25
N HIS B 81 -19.59 21.54 12.16
CA HIS B 81 -20.20 20.23 11.92
C HIS B 81 -20.07 19.27 13.10
N GLU B 82 -21.09 18.43 13.27
CA GLU B 82 -21.06 17.39 14.29
C GLU B 82 -19.89 16.43 14.07
N SER B 83 -19.39 16.35 12.84
CA SER B 83 -18.18 15.60 12.59
C SER B 83 -17.02 16.15 13.42
N VAL B 84 -16.86 17.47 13.46
CA VAL B 84 -15.76 18.09 14.18
C VAL B 84 -16.10 18.37 15.65
N ARG B 85 -17.30 18.87 15.98
CA ARG B 85 -17.73 18.95 17.38
C ARG B 85 -18.74 17.84 17.66
N ASP B 86 -18.31 16.84 18.44
CA ASP B 86 -16.89 16.81 18.76
C ASP B 86 -16.28 15.55 18.18
N ARG B 87 -14.95 15.54 18.02
CA ARG B 87 -14.23 14.34 17.65
C ARG B 87 -13.58 13.66 18.85
N SER B 88 -12.76 14.42 19.56
CA SER B 88 -11.77 13.85 20.45
C SER B 88 -11.09 15.00 21.19
N ASP B 89 -10.39 14.63 22.26
CA ASP B 89 -9.31 15.43 22.81
C ASP B 89 -8.07 14.57 22.93
N SER B 90 -8.07 13.41 22.27
CA SER B 90 -6.94 12.51 22.12
C SER B 90 -6.29 12.59 20.74
N GLU B 91 -7.06 12.87 19.69
CA GLU B 91 -6.51 12.90 18.33
C GLU B 91 -6.59 14.27 17.68
N ILE B 92 -7.44 15.18 18.17
CA ILE B 92 -7.29 16.58 17.79
C ILE B 92 -6.05 17.17 18.44
N ALA B 93 -5.62 16.60 19.58
CA ALA B 93 -4.33 16.92 20.13
C ALA B 93 -3.21 16.13 19.47
N GLN B 94 -3.53 14.97 18.90
CA GLN B 94 -2.56 14.22 18.11
C GLN B 94 -2.44 14.83 16.71
N PHE B 95 -3.55 15.30 16.14
CA PHE B 95 -3.48 16.08 14.91
C PHE B 95 -2.55 17.27 15.06
N ARG B 96 -2.55 17.90 16.24
CA ARG B 96 -1.72 19.07 16.45
C ARG B 96 -0.24 18.70 16.55
N LYS B 97 0.07 17.48 17.02
CA LYS B 97 1.37 16.91 16.71
C LYS B 97 1.36 16.45 15.25
N GLU B 98 2.57 16.36 14.69
CA GLU B 98 2.96 15.96 13.33
C GLU B 98 2.54 17.04 12.35
N ASN B 99 1.88 18.09 12.82
CA ASN B 99 1.86 19.40 12.19
C ASN B 99 2.69 20.39 12.99
N GLU B 100 3.26 19.95 14.11
CA GLU B 100 4.02 20.79 15.05
C GLU B 100 3.34 22.13 15.31
N MET B 101 2.03 22.06 15.57
CA MET B 101 1.24 23.23 15.95
C MET B 101 1.23 23.48 17.45
N THR B 102 1.38 24.74 17.84
CA THR B 102 1.26 25.17 19.24
C THR B 102 0.37 26.40 19.24
N ILE B 103 -0.88 26.19 19.57
CA ILE B 103 -1.86 27.27 19.63
C ILE B 103 -1.93 27.78 21.05
N SER B 104 -2.31 29.05 21.20
CA SER B 104 -2.62 29.62 22.51
C SER B 104 -3.53 30.80 22.28
N GLY B 105 -4.29 31.13 23.31
CA GLY B 105 -5.47 31.96 23.17
C GLY B 105 -6.68 31.29 23.78
N HIS B 106 -7.74 32.08 23.89
CA HIS B 106 -8.95 31.66 24.58
C HIS B 106 -9.98 31.17 23.56
N ASP B 107 -10.65 30.07 23.89
CA ASP B 107 -11.72 29.51 23.06
C ASP B 107 -11.27 29.29 21.61
N ILE B 108 -10.27 28.43 21.45
CA ILE B 108 -9.61 28.22 20.16
C ILE B 108 -10.31 27.05 19.46
N PRO B 109 -10.88 27.25 18.26
CA PRO B 109 -11.68 26.21 17.61
C PRO B 109 -10.92 24.93 17.35
N LYS B 110 -11.64 23.81 17.43
CA LYS B 110 -11.05 22.53 17.06
C LYS B 110 -10.87 22.45 15.55
N PRO B 111 -9.79 21.83 15.08
CA PRO B 111 -9.51 21.81 13.65
C PRO B 111 -10.47 20.91 12.86
N ILE B 112 -10.77 21.36 11.64
CA ILE B 112 -11.41 20.55 10.61
C ILE B 112 -10.42 19.51 10.10
N THR B 113 -10.92 18.50 9.38
CA THR B 113 -10.06 17.44 8.88
C THR B 113 -10.31 17.12 7.40
N THR B 114 -11.39 17.63 6.82
CA THR B 114 -11.64 17.53 5.38
C THR B 114 -12.42 18.76 4.95
N PHE B 115 -12.41 19.00 3.63
CA PHE B 115 -13.00 20.21 3.06
C PHE B 115 -14.46 20.38 3.46
N ASP B 116 -15.20 19.28 3.59
CA ASP B 116 -16.60 19.37 3.96
C ASP B 116 -16.78 19.77 5.42
N GLU B 117 -15.83 19.43 6.29
CA GLU B 117 -15.98 19.69 7.71
C GLU B 117 -15.83 21.16 8.06
N ALA B 118 -15.30 21.96 7.15
CA ALA B 118 -15.30 23.41 7.30
C ALA B 118 -16.61 23.94 6.75
N GLY B 119 -17.26 24.83 7.50
CA GLY B 119 -18.61 25.23 7.18
C GLY B 119 -18.65 26.16 6.00
N PHE B 120 -18.10 25.68 4.88
CA PHE B 120 -17.95 26.42 3.64
C PHE B 120 -19.22 26.34 2.80
N PRO B 121 -19.66 27.47 2.24
CA PRO B 121 -20.69 27.44 1.20
C PRO B 121 -20.22 26.67 -0.02
N ASP B 122 -21.14 26.48 -0.96
CA ASP B 122 -20.98 25.52 -2.03
C ASP B 122 -20.27 26.08 -3.24
N TYR B 123 -20.45 27.38 -3.54
CA TYR B 123 -19.74 28.00 -4.65
C TYR B 123 -18.22 28.00 -4.47
N VAL B 124 -17.73 27.71 -3.27
CA VAL B 124 -16.29 27.56 -3.06
C VAL B 124 -15.90 26.21 -2.48
N LEU B 125 -16.82 25.49 -1.81
CA LEU B 125 -16.54 24.11 -1.41
C LEU B 125 -16.32 23.22 -2.63
N ASN B 126 -17.10 23.45 -3.69
CA ASN B 126 -16.98 22.64 -4.90
C ASN B 126 -15.65 22.88 -5.59
N GLU B 127 -15.15 24.11 -5.58
CA GLU B 127 -13.92 24.37 -6.30
C GLU B 127 -12.68 24.22 -5.44
N VAL B 128 -12.83 24.07 -4.11
CA VAL B 128 -11.69 23.70 -3.29
C VAL B 128 -11.38 22.21 -3.43
N LYS B 129 -12.37 21.41 -3.82
CA LYS B 129 -12.20 20.01 -4.15
C LYS B 129 -11.76 19.81 -5.59
N ALA B 130 -12.12 20.76 -6.48
CA ALA B 130 -11.72 20.74 -7.88
C ALA B 130 -10.22 20.84 -8.07
N GLU B 131 -9.46 21.19 -7.03
CA GLU B 131 -8.01 21.27 -7.13
C GLU B 131 -7.36 19.89 -7.17
N GLY B 132 -8.13 18.84 -6.93
CA GLY B 132 -7.62 17.49 -6.88
C GLY B 132 -6.67 17.27 -5.72
N PHE B 133 -7.19 17.47 -4.51
CA PHE B 133 -6.53 17.14 -3.26
C PHE B 133 -7.61 16.60 -2.34
N ASP B 134 -7.27 15.57 -1.56
CA ASP B 134 -8.31 14.95 -0.73
C ASP B 134 -8.42 15.56 0.66
N LYS B 135 -7.35 16.16 1.19
CA LYS B 135 -7.45 16.82 2.47
C LYS B 135 -6.77 18.18 2.41
N PRO B 136 -7.20 19.12 3.24
CA PRO B 136 -6.60 20.47 3.23
C PRO B 136 -5.26 20.52 3.94
N THR B 137 -4.47 21.54 3.55
CA THR B 137 -3.18 21.80 4.19
C THR B 137 -3.36 21.86 5.71
N GLY B 138 -2.30 21.51 6.44
CA GLY B 138 -2.37 21.64 7.89
C GLY B 138 -2.77 23.03 8.34
N ILE B 139 -2.14 24.04 7.75
CA ILE B 139 -2.48 25.44 8.05
C ILE B 139 -3.95 25.72 7.74
N GLN B 140 -4.49 25.02 6.74
CA GLN B 140 -5.88 25.24 6.36
C GLN B 140 -6.85 24.61 7.36
N CYS B 141 -6.47 23.54 8.05
CA CYS B 141 -7.45 22.82 8.84
C CYS B 141 -7.59 23.36 10.25
N GLN B 142 -6.59 24.07 10.75
CA GLN B 142 -6.72 24.79 12.01
C GLN B 142 -7.01 26.28 11.81
N GLY B 143 -6.68 26.82 10.63
CA GLY B 143 -6.81 28.23 10.36
C GLY B 143 -8.19 28.63 9.87
N TRP B 144 -8.79 27.78 9.02
CA TRP B 144 -10.13 28.07 8.53
C TRP B 144 -11.17 28.18 9.63
N PRO B 145 -11.15 27.38 10.70
CA PRO B 145 -12.14 27.60 11.78
C PRO B 145 -12.00 28.95 12.46
N MET B 146 -10.78 29.35 12.84
CA MET B 146 -10.62 30.63 13.50
C MET B 146 -10.83 31.80 12.54
N ALA B 147 -10.47 31.62 11.26
CA ALA B 147 -10.65 32.69 10.28
C ALA B 147 -12.14 32.92 9.99
N LEU B 148 -12.84 31.85 9.60
CA LEU B 148 -14.26 31.96 9.28
C LEU B 148 -15.09 32.45 10.46
N SER B 149 -14.69 32.10 11.69
CA SER B 149 -15.43 32.50 12.88
C SER B 149 -15.08 33.91 13.33
N GLY B 150 -14.22 34.62 12.59
CA GLY B 150 -14.02 36.03 12.77
C GLY B 150 -13.05 36.45 13.86
N ARG B 151 -12.40 35.51 14.54
CA ARG B 151 -11.38 35.88 15.50
C ARG B 151 -10.15 36.41 14.78
N ASP B 152 -9.28 37.07 15.54
CA ASP B 152 -8.05 37.59 14.97
C ASP B 152 -6.95 36.55 15.09
N MET B 153 -5.96 36.65 14.21
CA MET B 153 -4.91 35.65 14.17
C MET B 153 -3.55 36.28 13.94
N VAL B 154 -2.58 35.90 14.78
CA VAL B 154 -1.16 36.05 14.49
C VAL B 154 -0.60 34.64 14.28
N GLY B 155 -0.14 34.37 13.07
CA GLY B 155 0.27 33.03 12.67
C GLY B 155 1.76 32.96 12.40
N ILE B 156 2.42 32.04 13.09
CA ILE B 156 3.83 31.75 12.86
C ILE B 156 3.94 30.53 11.96
N ALA B 157 4.34 30.74 10.71
CA ALA B 157 4.56 29.64 9.79
C ALA B 157 5.63 30.03 8.79
N ALA B 158 6.26 29.02 8.20
CA ALA B 158 7.37 29.26 7.28
C ALA B 158 6.90 30.06 6.07
N THR B 159 7.81 30.90 5.55
CA THR B 159 7.58 31.62 4.32
C THR B 159 7.33 30.66 3.15
N GLY B 160 6.12 30.71 2.60
CA GLY B 160 5.78 29.90 1.44
C GLY B 160 4.76 28.82 1.67
N SER B 161 4.40 28.52 2.93
CA SER B 161 3.44 27.48 3.20
C SER B 161 2.07 27.81 2.60
N GLY B 162 1.19 26.81 2.58
CA GLY B 162 -0.08 26.98 1.89
C GLY B 162 -1.09 27.79 2.67
N LYS B 163 -0.65 28.94 3.16
CA LYS B 163 -1.44 29.77 4.04
C LYS B 163 -2.34 30.77 3.31
N THR B 164 -2.08 31.05 2.03
CA THR B 164 -2.80 32.17 1.42
C THR B 164 -4.26 31.82 1.12
N LEU B 165 -4.58 30.54 0.93
CA LEU B 165 -5.98 30.12 0.92
C LEU B 165 -6.58 30.12 2.32
N SER B 166 -5.75 29.89 3.35
CA SER B 166 -6.19 29.97 4.75
C SER B 166 -7.03 31.21 5.03
N TYR B 167 -6.67 32.35 4.45
CA TYR B 167 -7.27 33.62 4.85
C TYR B 167 -8.08 34.27 3.75
N CYS B 168 -7.79 34.02 2.47
CA CYS B 168 -8.56 34.67 1.41
C CYS B 168 -9.89 33.96 1.18
N LEU B 169 -9.95 32.65 1.35
CA LEU B 169 -11.23 31.94 1.19
C LEU B 169 -12.25 32.37 2.24
N PRO B 170 -11.94 32.41 3.54
CA PRO B 170 -12.90 33.02 4.49
C PRO B 170 -13.22 34.47 4.16
N GLY B 171 -12.33 35.18 3.48
CA GLY B 171 -12.64 36.51 3.00
C GLY B 171 -13.77 36.52 2.00
N ILE B 172 -13.79 35.54 1.10
CA ILE B 172 -14.86 35.45 0.10
C ILE B 172 -16.22 35.33 0.79
N VAL B 173 -16.31 34.48 1.82
CA VAL B 173 -17.51 34.39 2.62
C VAL B 173 -17.81 35.72 3.31
N HIS B 174 -16.75 36.44 3.72
CA HIS B 174 -16.92 37.70 4.44
C HIS B 174 -17.39 38.81 3.52
N ILE B 175 -16.98 38.81 2.25
CA ILE B 175 -17.45 39.79 1.29
C ILE B 175 -18.91 39.52 0.92
N ASN B 176 -19.18 38.31 0.41
CA ASN B 176 -20.50 37.92 -0.07
C ASN B 176 -21.60 38.20 0.94
N ALA B 177 -21.28 38.27 2.23
CA ALA B 177 -22.29 38.47 3.26
C ALA B 177 -22.67 39.92 3.45
N GLN B 178 -22.02 40.87 2.77
CA GLN B 178 -22.20 42.29 3.01
C GLN B 178 -22.73 42.99 1.77
N PRO B 179 -23.50 44.08 1.95
CA PRO B 179 -23.93 44.89 0.80
C PRO B 179 -22.78 45.26 -0.13
N LEU B 180 -23.08 45.28 -1.43
CA LEU B 180 -22.05 45.48 -2.43
C LEU B 180 -21.63 46.95 -2.51
N LEU B 181 -20.74 47.23 -3.45
CA LEU B 181 -19.96 48.48 -3.50
C LEU B 181 -20.84 49.62 -3.98
N ALA B 182 -21.40 50.36 -3.03
CA ALA B 182 -22.15 51.56 -3.36
C ALA B 182 -21.25 52.58 -4.06
N PRO B 183 -21.84 53.49 -4.87
CA PRO B 183 -21.06 54.57 -5.47
C PRO B 183 -20.12 55.27 -4.49
N GLY B 184 -18.83 55.28 -4.78
CA GLY B 184 -17.88 55.87 -3.85
C GLY B 184 -17.15 54.88 -2.97
N ASP B 185 -17.58 53.63 -2.94
CA ASP B 185 -17.12 52.67 -1.94
C ASP B 185 -15.86 51.95 -2.40
N GLY B 186 -15.03 51.61 -1.42
CA GLY B 186 -13.78 50.95 -1.66
C GLY B 186 -13.77 49.52 -1.15
N PRO B 187 -12.62 48.87 -1.27
CA PRO B 187 -12.50 47.44 -0.95
C PRO B 187 -12.93 47.12 0.47
N ILE B 188 -13.39 45.87 0.65
CA ILE B 188 -13.70 45.34 1.97
C ILE B 188 -12.51 44.56 2.54
N VAL B 189 -11.89 43.71 1.73
CA VAL B 189 -10.72 42.94 2.15
C VAL B 189 -9.47 43.58 1.56
N LEU B 190 -8.53 43.93 2.42
CA LEU B 190 -7.26 44.55 2.02
C LEU B 190 -6.13 43.67 2.50
N VAL B 191 -5.31 43.19 1.56
CA VAL B 191 -4.16 42.34 1.86
C VAL B 191 -2.88 43.13 1.64
N LEU B 192 -1.99 43.10 2.62
CA LEU B 192 -0.69 43.75 2.55
C LEU B 192 0.39 42.67 2.42
N ALA B 193 1.19 42.74 1.36
CA ALA B 193 2.26 41.79 1.13
C ALA B 193 3.58 42.51 0.86
N PRO B 194 4.72 41.97 1.34
CA PRO B 194 6.00 42.68 1.19
C PRO B 194 6.48 42.83 -0.24
N THR B 195 6.48 41.75 -1.02
CA THR B 195 7.07 41.74 -2.35
C THR B 195 5.98 41.80 -3.41
N ARG B 196 6.26 42.51 -4.50
CA ARG B 196 5.28 42.57 -5.58
C ARG B 196 5.10 41.21 -6.25
N GLU B 197 6.00 40.26 -6.01
CA GLU B 197 5.74 38.87 -6.38
C GLU B 197 4.57 38.29 -5.61
N LEU B 198 4.49 38.59 -4.31
CA LEU B 198 3.48 37.98 -3.46
C LEU B 198 2.09 38.51 -3.80
N ALA B 199 2.02 39.74 -4.32
CA ALA B 199 0.72 40.27 -4.71
C ALA B 199 0.13 39.46 -5.86
N VAL B 200 0.95 39.06 -6.83
CA VAL B 200 0.39 38.29 -7.92
C VAL B 200 0.19 36.83 -7.48
N GLN B 201 1.01 36.35 -6.56
CA GLN B 201 0.73 35.10 -5.85
C GLN B 201 -0.70 35.07 -5.32
N ILE B 202 -1.06 36.07 -4.51
CA ILE B 202 -2.32 36.04 -3.77
C ILE B 202 -3.51 36.20 -4.71
N GLN B 203 -3.38 37.03 -5.74
CA GLN B 203 -4.54 37.31 -6.58
C GLN B 203 -4.90 36.12 -7.46
N THR B 204 -3.94 35.27 -7.79
CA THR B 204 -4.24 34.06 -8.54
C THR B 204 -5.27 33.21 -7.80
N GLU B 205 -5.10 33.06 -6.48
CA GLU B 205 -6.10 32.37 -5.67
C GLU B 205 -7.34 33.24 -5.43
N CYS B 206 -7.21 34.57 -5.55
CA CYS B 206 -8.33 35.47 -5.28
C CYS B 206 -9.26 35.60 -6.48
N SER B 207 -8.73 35.45 -7.68
CA SER B 207 -9.56 35.42 -8.86
C SER B 207 -10.02 34.00 -9.17
N LYS B 208 -9.28 32.99 -8.70
CA LYS B 208 -9.73 31.62 -8.86
C LYS B 208 -11.01 31.35 -8.07
N PHE B 209 -10.98 31.67 -6.78
CA PHE B 209 -12.12 31.37 -5.90
C PHE B 209 -13.11 32.53 -5.79
N GLY B 210 -12.75 33.70 -6.29
CA GLY B 210 -13.63 34.85 -6.22
C GLY B 210 -14.52 34.97 -7.45
N HIS B 211 -14.05 34.49 -8.59
CA HIS B 211 -14.81 34.70 -9.83
C HIS B 211 -16.06 33.85 -9.89
N SER B 212 -16.15 32.79 -9.10
CA SER B 212 -17.36 31.99 -9.00
C SER B 212 -18.46 32.71 -8.24
N SER B 213 -18.22 33.96 -7.83
CA SER B 213 -19.07 34.67 -6.89
C SER B 213 -19.02 36.17 -7.21
N ARG B 214 -19.53 36.97 -6.27
CA ARG B 214 -19.65 38.42 -6.42
C ARG B 214 -18.32 39.15 -6.62
N ILE B 215 -17.19 38.52 -6.28
CA ILE B 215 -15.95 39.23 -5.94
C ILE B 215 -15.01 39.36 -7.13
N ARG B 216 -14.69 40.60 -7.48
CA ARG B 216 -13.58 40.97 -8.36
C ARG B 216 -12.43 41.54 -7.53
N ASN B 217 -11.20 41.31 -7.97
CA ASN B 217 -10.01 41.74 -7.25
C ASN B 217 -9.10 42.59 -8.12
N THR B 218 -8.30 43.45 -7.49
CA THR B 218 -7.25 44.20 -8.19
C THR B 218 -5.98 44.24 -7.35
N CYS B 219 -4.91 43.68 -7.91
CA CYS B 219 -3.57 43.71 -7.34
C CYS B 219 -2.82 44.99 -7.75
N VAL B 220 -2.39 45.78 -6.76
CA VAL B 220 -1.57 46.95 -7.03
C VAL B 220 -0.19 46.68 -6.43
N TYR B 221 0.80 46.51 -7.30
CA TYR B 221 2.18 46.12 -6.96
C TYR B 221 3.18 47.08 -7.60
N GLY B 222 4.45 46.97 -7.20
CA GLY B 222 5.44 48.00 -7.52
C GLY B 222 6.42 47.78 -8.65
N GLY B 223 6.64 48.86 -9.42
CA GLY B 223 7.44 48.81 -10.63
C GLY B 223 6.81 48.63 -12.01
N VAL B 224 5.62 49.18 -12.25
CA VAL B 224 4.91 49.08 -13.53
C VAL B 224 4.25 50.43 -13.82
N PRO B 225 3.68 50.69 -15.04
CA PRO B 225 2.96 51.94 -15.26
C PRO B 225 2.00 52.26 -14.12
N LYS B 226 2.24 53.39 -13.49
CA LYS B 226 1.67 53.75 -12.20
C LYS B 226 0.29 54.38 -12.30
N SER B 227 -0.31 54.43 -13.50
CA SER B 227 -1.72 54.79 -13.56
C SER B 227 -2.54 53.93 -14.52
N GLN B 228 -1.96 52.89 -15.13
CA GLN B 228 -2.79 51.85 -15.74
C GLN B 228 -3.22 50.83 -14.70
N GLN B 229 -2.91 51.09 -13.44
CA GLN B 229 -3.56 50.45 -12.30
C GLN B 229 -4.58 51.37 -11.66
N ILE B 230 -4.39 52.68 -11.78
CA ILE B 230 -5.42 53.63 -11.40
C ILE B 230 -6.67 53.44 -12.26
N ARG B 231 -6.52 52.84 -13.45
CA ARG B 231 -7.66 52.40 -14.26
C ARG B 231 -7.87 50.90 -14.15
N ASP B 232 -7.28 50.29 -13.12
CA ASP B 232 -7.67 48.99 -12.58
C ASP B 232 -8.13 49.13 -11.15
N LEU B 233 -7.53 50.04 -10.37
CA LEU B 233 -8.15 50.51 -9.15
C LEU B 233 -9.42 51.30 -9.44
N SER B 234 -9.57 51.77 -10.68
CA SER B 234 -10.83 52.31 -11.18
C SER B 234 -11.80 51.22 -11.51
N ARG B 235 -11.47 49.99 -11.14
CA ARG B 235 -12.35 48.85 -11.28
C ARG B 235 -12.58 48.23 -9.91
N GLY B 236 -12.60 49.07 -8.88
CA GLY B 236 -13.48 48.96 -7.73
C GLY B 236 -13.64 47.56 -7.21
N SER B 237 -12.54 46.96 -6.78
CA SER B 237 -12.69 45.59 -6.31
C SER B 237 -13.12 45.56 -4.84
N GLU B 238 -13.69 44.43 -4.45
CA GLU B 238 -13.88 44.18 -3.03
C GLU B 238 -12.61 43.70 -2.38
N ILE B 239 -11.66 43.21 -3.17
CA ILE B 239 -10.35 42.81 -2.69
C ILE B 239 -9.30 43.65 -3.41
N VAL B 240 -8.46 44.33 -2.65
CA VAL B 240 -7.26 44.95 -3.20
C VAL B 240 -6.09 44.46 -2.38
N ILE B 241 -5.17 43.79 -3.02
CA ILE B 241 -3.93 43.37 -2.39
C ILE B 241 -2.84 44.31 -2.84
N ALA B 242 -2.00 44.74 -1.91
CA ALA B 242 -1.12 45.87 -2.17
C ALA B 242 0.24 45.69 -1.53
N THR B 243 1.28 45.89 -2.33
CA THR B 243 2.58 46.24 -1.78
C THR B 243 2.42 47.54 -1.00
N PRO B 244 2.88 47.61 0.25
CA PRO B 244 2.59 48.80 1.05
C PRO B 244 3.27 50.03 0.49
N GLY B 245 4.39 49.88 -0.20
CA GLY B 245 4.99 51.00 -0.89
C GLY B 245 4.04 51.74 -1.81
N ARG B 246 3.55 51.10 -2.87
CA ARG B 246 2.65 51.77 -3.81
C ARG B 246 1.22 51.91 -3.33
N LEU B 247 0.87 51.49 -2.12
CA LEU B 247 -0.50 51.63 -1.69
C LEU B 247 -0.74 52.90 -0.88
N ILE B 248 0.30 53.47 -0.26
CA ILE B 248 0.02 54.49 0.74
C ILE B 248 -0.14 55.88 0.14
N ASP B 249 0.49 56.17 -1.01
CA ASP B 249 0.22 57.45 -1.63
C ASP B 249 -0.71 57.36 -2.83
N MET B 250 -1.21 56.16 -3.15
CA MET B 250 -2.35 56.08 -4.05
C MET B 250 -3.67 56.19 -3.30
N LEU B 251 -3.63 56.17 -1.96
CA LEU B 251 -4.80 56.45 -1.15
C LEU B 251 -4.75 57.84 -0.54
N GLU B 252 -3.65 58.58 -0.80
CA GLU B 252 -3.59 59.99 -0.46
C GLU B 252 -3.93 60.89 -1.64
N ILE B 253 -3.65 60.44 -2.87
CA ILE B 253 -4.34 60.95 -4.04
C ILE B 253 -5.84 60.63 -3.98
N GLY B 254 -6.21 59.68 -3.12
CA GLY B 254 -7.59 59.24 -2.98
C GLY B 254 -8.21 58.65 -4.23
N LYS B 255 -7.46 57.84 -4.97
CA LYS B 255 -8.05 57.07 -6.05
C LYS B 255 -8.74 55.80 -5.54
N THR B 256 -8.50 55.43 -4.30
CA THR B 256 -9.14 54.31 -3.62
C THR B 256 -9.26 54.68 -2.14
N ASN B 257 -10.06 53.90 -1.42
CA ASN B 257 -10.48 54.32 -0.09
C ASN B 257 -10.56 53.09 0.80
N LEU B 258 -10.29 53.31 2.09
CA LEU B 258 -10.20 52.25 3.10
C LEU B 258 -11.25 52.37 4.18
N LYS B 259 -12.42 52.93 3.89
CA LYS B 259 -13.44 53.06 4.92
C LYS B 259 -14.57 52.05 4.72
N ARG B 260 -14.37 51.08 3.83
CA ARG B 260 -15.23 49.91 3.72
C ARG B 260 -14.48 48.62 4.01
N VAL B 261 -13.29 48.72 4.61
CA VAL B 261 -12.50 47.55 4.92
C VAL B 261 -12.85 47.05 6.32
N THR B 262 -13.27 45.79 6.39
CA THR B 262 -13.58 45.14 7.65
C THR B 262 -12.70 43.92 7.90
N TYR B 263 -11.90 43.52 6.91
CA TYR B 263 -11.13 42.28 6.95
C TYR B 263 -9.75 42.55 6.39
N LEU B 264 -8.74 42.58 7.26
CA LEU B 264 -7.38 42.92 6.85
C LEU B 264 -6.45 41.77 7.19
N VAL B 265 -5.60 41.39 6.23
CA VAL B 265 -4.59 40.37 6.47
C VAL B 265 -3.24 40.93 6.06
N LEU B 266 -2.26 40.84 6.97
CA LEU B 266 -0.86 41.19 6.70
C LEU B 266 -0.11 39.90 6.46
N ASP B 267 0.15 39.58 5.20
CA ASP B 267 0.89 38.37 4.88
C ASP B 267 2.38 38.67 4.90
N GLU B 268 3.16 37.65 5.26
CA GLU B 268 4.61 37.77 5.39
C GLU B 268 5.01 39.04 6.14
N ALA B 269 4.35 39.26 7.28
CA ALA B 269 4.57 40.45 8.11
C ALA B 269 6.05 40.72 8.34
N ASP B 270 6.80 39.68 8.72
CA ASP B 270 8.19 39.89 9.11
C ASP B 270 9.00 40.43 7.94
N ARG B 271 8.82 39.86 6.75
CA ARG B 271 9.60 40.29 5.61
C ARG B 271 9.07 41.58 5.01
N MET B 272 8.04 42.17 5.62
CA MET B 272 7.62 43.54 5.28
C MET B 272 8.44 44.56 6.05
N LEU B 273 8.68 44.33 7.35
CA LEU B 273 9.48 45.28 8.10
C LEU B 273 10.96 45.10 7.87
N ASP B 274 11.38 43.92 7.39
CA ASP B 274 12.77 43.73 6.97
C ASP B 274 13.18 44.84 6.00
N MET B 275 12.31 45.11 5.01
CA MET B 275 12.47 46.18 4.05
C MET B 275 11.91 47.50 4.56
N GLY B 276 11.71 47.63 5.87
CA GLY B 276 11.25 48.85 6.50
C GLY B 276 10.01 49.49 5.94
N PHE B 277 8.95 48.70 5.80
CA PHE B 277 7.62 49.21 5.51
C PHE B 277 6.85 49.54 6.77
N GLU B 278 7.52 49.50 7.93
CA GLU B 278 6.82 49.72 9.19
C GLU B 278 6.11 51.07 9.26
N PRO B 279 6.74 52.22 8.89
CA PRO B 279 5.97 53.47 8.85
C PRO B 279 4.72 53.44 7.97
N GLN B 280 4.87 53.08 6.70
CA GLN B 280 3.73 53.00 5.78
C GLN B 280 2.57 52.24 6.40
N ILE B 281 2.81 50.98 6.75
CA ILE B 281 1.80 50.13 7.39
C ILE B 281 1.15 50.85 8.56
N ARG B 282 1.97 51.32 9.50
CA ARG B 282 1.48 51.80 10.79
C ARG B 282 0.44 52.91 10.66
N LYS B 283 0.53 53.75 9.63
CA LYS B 283 -0.37 54.89 9.52
C LYS B 283 -1.52 54.64 8.57
N ILE B 284 -1.67 53.41 8.07
CA ILE B 284 -2.84 53.01 7.30
C ILE B 284 -3.73 52.03 8.06
N VAL B 285 -3.20 51.30 9.04
CA VAL B 285 -4.00 50.27 9.68
C VAL B 285 -4.85 50.86 10.80
N ASP B 286 -4.37 51.91 11.48
CA ASP B 286 -5.27 52.66 12.36
C ASP B 286 -6.36 53.35 11.55
N GLN B 287 -6.06 53.70 10.30
CA GLN B 287 -7.04 54.29 9.39
C GLN B 287 -8.21 53.36 9.14
N ILE B 288 -8.04 52.08 9.43
CA ILE B 288 -8.99 51.03 9.13
C ILE B 288 -9.80 50.77 10.39
N ARG B 289 -11.10 50.49 10.22
CA ARG B 289 -12.02 50.33 11.33
C ARG B 289 -11.42 49.47 12.43
N PRO B 290 -11.54 49.85 13.70
CA PRO B 290 -10.89 49.10 14.78
C PRO B 290 -11.69 47.92 15.28
N ASP B 291 -12.88 47.69 14.72
CA ASP B 291 -13.66 46.48 14.96
C ASP B 291 -13.48 45.46 13.84
N ARG B 292 -12.54 45.70 12.94
CA ARG B 292 -12.24 44.77 11.87
C ARG B 292 -11.72 43.45 12.44
N GLN B 293 -11.71 42.44 11.57
CA GLN B 293 -10.92 41.25 11.81
C GLN B 293 -9.56 41.48 11.17
N THR B 294 -8.51 41.06 11.87
CA THR B 294 -7.14 41.31 11.47
C THR B 294 -6.41 39.98 11.53
N LEU B 295 -5.74 39.61 10.43
CA LEU B 295 -4.95 38.39 10.37
C LEU B 295 -3.52 38.72 9.96
N MET B 296 -2.56 38.14 10.66
CA MET B 296 -1.15 38.47 10.45
C MET B 296 -0.32 37.20 10.44
N TRP B 297 0.44 37.00 9.37
CA TRP B 297 1.31 35.84 9.22
C TRP B 297 2.78 36.27 9.26
N SER B 298 3.61 35.43 9.87
CA SER B 298 5.01 35.76 10.14
C SER B 298 5.85 34.49 10.16
N ALA B 299 7.00 34.53 9.52
CA ALA B 299 7.91 33.39 9.59
C ALA B 299 8.86 33.51 10.78
N THR B 300 9.49 34.66 10.94
CA THR B 300 10.34 34.93 12.08
C THR B 300 9.53 35.65 13.15
N TRP B 301 10.15 35.95 14.28
CA TRP B 301 9.46 36.57 15.41
C TRP B 301 10.34 37.66 16.03
N PRO B 302 10.51 38.78 15.32
CA PRO B 302 11.21 39.94 15.92
C PRO B 302 10.39 40.62 17.00
N LYS B 303 10.93 41.70 17.57
CA LYS B 303 10.22 42.48 18.58
C LYS B 303 9.18 43.40 17.96
N GLU B 304 9.32 43.72 16.67
CA GLU B 304 8.39 44.63 16.01
C GLU B 304 7.16 43.89 15.52
N VAL B 305 7.35 42.72 14.90
CA VAL B 305 6.25 41.81 14.61
C VAL B 305 5.50 41.48 15.89
N LYS B 306 6.24 41.21 16.96
CA LYS B 306 5.68 40.97 18.28
C LYS B 306 4.76 42.13 18.70
N GLN B 307 5.15 43.37 18.38
CA GLN B 307 4.40 44.54 18.80
C GLN B 307 3.27 44.90 17.83
N LEU B 308 3.48 44.69 16.53
CA LEU B 308 2.38 44.84 15.57
C LEU B 308 1.19 43.98 15.99
N ALA B 309 1.46 42.74 16.41
CA ALA B 309 0.41 41.88 16.92
C ALA B 309 -0.25 42.47 18.16
N ALA B 310 0.52 43.14 19.01
CA ALA B 310 -0.03 43.74 20.21
C ALA B 310 -0.96 44.90 19.88
N ASP B 311 -0.46 45.86 19.09
CA ASP B 311 -1.20 47.09 18.86
C ASP B 311 -2.32 46.91 17.83
N TYR B 312 -2.08 46.13 16.78
CA TYR B 312 -2.97 46.14 15.63
C TYR B 312 -3.77 44.85 15.49
N LEU B 313 -3.86 44.07 16.56
CA LEU B 313 -4.81 42.97 16.66
C LEU B 313 -5.71 43.24 17.86
N ASN B 314 -6.61 42.29 18.13
CA ASN B 314 -7.51 42.45 19.27
C ASN B 314 -7.99 41.06 19.67
N ASP B 315 -7.58 40.61 20.85
CA ASP B 315 -7.90 39.28 21.35
C ASP B 315 -7.58 38.21 20.31
N PRO B 316 -6.32 38.09 19.89
CA PRO B 316 -6.00 37.16 18.81
C PRO B 316 -5.63 35.77 19.32
N ILE B 317 -5.91 34.80 18.48
CA ILE B 317 -5.36 33.46 18.67
C ILE B 317 -3.96 33.46 18.12
N GLN B 318 -3.05 32.77 18.80
CA GLN B 318 -1.66 32.66 18.39
C GLN B 318 -1.45 31.25 17.87
N VAL B 319 -1.21 31.12 16.56
CA VAL B 319 -0.94 29.84 15.92
C VAL B 319 0.50 29.80 15.43
N GLN B 320 1.25 28.79 15.87
CA GLN B 320 2.56 28.48 15.30
C GLN B 320 2.47 27.10 14.67
N VAL B 321 2.61 27.03 13.35
CA VAL B 321 2.59 25.77 12.62
C VAL B 321 3.99 25.22 12.38
N GLY B 322 4.89 26.07 11.92
CA GLY B 322 6.23 25.64 11.57
C GLY B 322 7.06 25.18 12.76
N SER B 323 8.36 25.05 12.49
CA SER B 323 9.35 24.65 13.48
C SER B 323 10.42 25.71 13.62
N LEU B 324 10.03 26.99 13.61
CA LEU B 324 10.97 28.10 13.86
C LEU B 324 12.14 28.07 12.87
N GLU B 325 11.79 28.23 11.60
CA GLU B 325 12.56 27.79 10.44
C GLU B 325 13.98 28.34 10.42
N LEU B 326 14.83 27.69 9.61
CA LEU B 326 16.27 27.79 9.64
C LEU B 326 16.77 28.37 8.32
N SER B 327 18.02 28.85 8.33
CA SER B 327 18.44 29.91 7.42
C SER B 327 18.32 29.49 5.96
N ALA B 328 18.92 28.37 5.56
CA ALA B 328 19.06 28.02 4.15
C ALA B 328 19.70 29.18 3.39
N SER B 329 20.94 29.49 3.81
CA SER B 329 21.62 30.75 3.53
C SER B 329 21.44 31.21 2.08
N HIS B 330 21.16 32.50 1.94
CA HIS B 330 20.73 33.12 0.69
C HIS B 330 21.88 33.35 -0.28
N ASN B 331 23.12 33.09 0.12
CA ASN B 331 24.24 33.19 -0.81
C ASN B 331 24.54 31.85 -1.47
N ILE B 332 23.60 30.92 -1.35
CA ILE B 332 23.63 29.64 -2.06
C ILE B 332 22.49 29.68 -3.06
N THR B 333 22.77 29.30 -4.30
CA THR B 333 21.68 29.11 -5.26
C THR B 333 21.46 27.62 -5.42
N GLN B 334 20.19 27.23 -5.56
CA GLN B 334 19.79 25.84 -5.51
C GLN B 334 19.20 25.43 -6.84
N ILE B 335 19.72 24.35 -7.41
CA ILE B 335 19.26 23.81 -8.68
C ILE B 335 18.63 22.46 -8.40
N VAL B 336 17.33 22.36 -8.63
CA VAL B 336 16.61 21.09 -8.58
C VAL B 336 16.34 20.67 -10.02
N GLU B 337 16.38 19.37 -10.28
CA GLU B 337 16.05 18.85 -11.60
C GLU B 337 15.17 17.61 -11.42
N VAL B 338 13.94 17.67 -11.89
CA VAL B 338 13.08 16.49 -11.85
C VAL B 338 13.55 15.55 -12.94
N VAL B 339 13.94 14.34 -12.54
CA VAL B 339 14.54 13.37 -13.44
C VAL B 339 14.01 11.98 -13.08
N SER B 340 14.43 11.00 -13.87
CA SER B 340 14.30 9.59 -13.53
C SER B 340 15.52 9.15 -12.72
N ASP B 341 15.36 8.05 -12.00
CA ASP B 341 16.52 7.37 -11.42
C ASP B 341 17.55 7.07 -12.51
N PHE B 342 17.08 6.69 -13.71
CA PHE B 342 17.96 6.32 -14.81
C PHE B 342 18.78 7.50 -15.32
N GLU B 343 18.36 8.73 -15.04
CA GLU B 343 18.98 9.93 -15.58
C GLU B 343 19.99 10.57 -14.63
N LYS B 344 20.09 10.07 -13.39
CA LYS B 344 20.92 10.74 -12.40
C LYS B 344 22.40 10.49 -12.66
N ARG B 345 22.76 9.23 -12.95
CA ARG B 345 24.11 8.93 -13.45
C ARG B 345 24.51 9.90 -14.55
N ASP B 346 23.63 10.09 -15.54
CA ASP B 346 23.99 10.86 -16.73
C ASP B 346 24.13 12.33 -16.41
N ARG B 347 23.24 12.88 -15.59
CA ARG B 347 23.30 14.29 -15.23
C ARG B 347 24.25 14.55 -14.06
N LEU B 348 24.89 13.50 -13.55
CA LEU B 348 25.90 13.66 -12.52
C LEU B 348 27.17 14.26 -13.12
N ASN B 349 27.76 13.59 -14.12
CA ASN B 349 29.00 14.06 -14.70
C ASN B 349 28.83 15.45 -15.32
N LYS B 350 27.70 15.68 -16.00
CA LYS B 350 27.44 16.99 -16.58
C LYS B 350 27.62 18.09 -15.55
N TYR B 351 27.12 17.87 -14.33
CA TYR B 351 27.32 18.83 -13.25
C TYR B 351 28.68 18.63 -12.59
N LEU B 352 29.12 17.38 -12.45
CA LEU B 352 30.44 17.11 -11.91
C LEU B 352 31.54 17.82 -12.71
N GLU B 353 31.39 17.85 -14.04
CA GLU B 353 32.41 18.50 -14.87
C GLU B 353 32.18 20.01 -14.98
N THR B 354 30.92 20.46 -14.94
CA THR B 354 30.63 21.89 -14.85
C THR B 354 31.25 22.48 -13.60
N ALA B 355 31.30 21.72 -12.52
CA ALA B 355 31.86 22.14 -11.25
C ALA B 355 33.35 21.89 -11.16
N SER B 356 33.87 20.82 -11.76
CA SER B 356 35.26 20.48 -11.52
C SER B 356 36.23 21.19 -12.46
N GLN B 357 35.75 21.98 -13.41
CA GLN B 357 36.47 23.20 -13.76
C GLN B 357 35.84 24.41 -13.05
N ASP B 358 35.85 24.54 -11.71
CA ASP B 358 35.57 25.88 -11.19
C ASP B 358 36.72 26.56 -10.47
N ASN B 359 37.31 25.95 -9.45
CA ASN B 359 38.63 26.32 -8.95
C ASN B 359 39.60 25.17 -8.65
N GLU B 360 39.17 23.91 -8.58
CA GLU B 360 37.99 23.13 -8.98
C GLU B 360 37.37 22.20 -7.91
N TYR B 361 38.10 22.01 -6.81
CA TYR B 361 37.89 20.97 -5.80
C TYR B 361 36.73 21.32 -4.84
N LYS B 362 36.57 20.52 -3.77
CA LYS B 362 35.55 20.70 -2.75
C LYS B 362 34.09 20.65 -3.23
N THR B 363 33.71 19.50 -3.81
CA THR B 363 32.28 19.22 -3.96
C THR B 363 31.91 17.90 -3.26
N LEU B 364 30.67 17.88 -2.73
CA LEU B 364 30.16 16.84 -1.82
C LEU B 364 28.86 16.21 -2.33
N ILE B 365 28.85 14.88 -2.44
CA ILE B 365 27.70 14.12 -2.94
C ILE B 365 27.07 13.31 -1.81
N PHE B 366 25.72 13.31 -1.75
CA PHE B 366 24.94 12.52 -0.80
C PHE B 366 24.10 11.48 -1.54
N ALA B 367 24.01 10.27 -0.99
CA ALA B 367 23.10 9.28 -1.57
C ALA B 367 22.41 8.47 -0.48
N SER B 368 21.29 7.85 -0.86
CA SER B 368 20.38 7.27 0.12
C SER B 368 21.02 6.15 0.96
N THR B 369 21.42 5.07 0.30
CA THR B 369 22.01 3.95 1.02
C THR B 369 23.51 4.14 1.25
N LYS B 370 24.09 3.25 2.07
CA LYS B 370 25.54 3.16 2.21
C LYS B 370 26.20 2.47 1.01
N ARG B 371 25.50 1.53 0.37
CA ARG B 371 26.05 0.86 -0.80
C ARG B 371 26.20 1.81 -1.98
N MET B 372 25.32 2.79 -2.09
CA MET B 372 25.34 3.72 -3.23
C MET B 372 26.15 4.96 -2.92
N CYS B 373 27.10 4.85 -2.01
CA CYS B 373 28.24 5.74 -1.97
C CYS B 373 29.52 4.96 -2.21
N ASP B 374 29.46 3.64 -2.15
CA ASP B 374 30.50 2.79 -2.72
C ASP B 374 30.28 2.64 -4.22
N ASP B 375 29.08 2.20 -4.62
CA ASP B 375 28.79 1.93 -6.02
C ASP B 375 28.82 3.17 -6.89
N ILE B 376 28.65 4.35 -6.32
CA ILE B 376 28.81 5.55 -7.15
C ILE B 376 30.27 5.95 -7.20
N THR B 377 31.02 5.67 -6.14
CA THR B 377 32.45 5.95 -6.18
C THR B 377 33.22 4.80 -6.82
N LYS B 378 32.73 3.56 -6.68
CA LYS B 378 33.36 2.43 -7.35
C LYS B 378 33.60 2.72 -8.82
N TYR B 379 32.56 3.11 -9.56
CA TYR B 379 32.80 3.80 -10.82
C TYR B 379 32.05 5.15 -10.86
N LEU B 380 32.69 6.20 -10.37
CA LEU B 380 33.00 7.35 -11.20
C LEU B 380 34.40 7.83 -10.88
N ARG B 381 35.14 7.13 -10.03
CA ARG B 381 36.56 7.40 -9.86
C ARG B 381 37.35 6.64 -10.90
N GLU B 382 36.66 5.76 -11.62
CA GLU B 382 37.20 4.99 -12.71
C GLU B 382 37.38 5.83 -13.96
N ASP B 383 36.73 7.00 -14.05
CA ASP B 383 37.00 7.98 -15.09
C ASP B 383 37.91 9.10 -14.60
N GLY B 384 38.79 8.77 -13.66
CA GLY B 384 39.80 9.70 -13.20
C GLY B 384 39.24 10.82 -12.36
N TRP B 385 38.15 10.57 -11.64
CA TRP B 385 37.71 11.50 -10.62
C TRP B 385 38.31 11.07 -9.29
N PRO B 386 38.96 11.96 -8.56
CA PRO B 386 39.49 11.62 -7.22
C PRO B 386 38.41 11.59 -6.13
N ALA B 387 37.67 10.49 -6.06
CA ALA B 387 36.48 10.38 -5.21
C ALA B 387 36.68 9.40 -4.06
N LEU B 388 36.23 9.80 -2.86
CA LEU B 388 36.26 8.97 -1.67
C LEU B 388 34.85 8.82 -1.08
N ALA B 389 34.57 7.62 -0.56
CA ALA B 389 33.30 7.33 0.10
C ALA B 389 33.44 7.42 1.62
N ILE B 390 32.42 7.95 2.28
CA ILE B 390 32.35 7.91 3.74
C ILE B 390 31.05 7.21 4.12
N HIS B 391 31.11 6.48 5.23
CA HIS B 391 29.97 5.71 5.71
C HIS B 391 30.30 5.16 7.09
N GLY B 392 29.27 4.62 7.75
CA GLY B 392 29.48 3.91 8.99
C GLY B 392 29.70 2.43 8.78
N ASP B 393 29.58 1.99 7.52
CA ASP B 393 29.92 0.65 7.09
C ASP B 393 31.27 0.19 7.65
N LYS B 394 32.27 1.06 7.60
CA LYS B 394 33.67 0.69 7.79
C LYS B 394 34.29 1.39 9.00
N ASP B 395 35.59 1.19 9.16
CA ASP B 395 36.38 1.53 10.32
C ASP B 395 36.36 3.04 10.61
N GLN B 396 36.84 3.38 11.78
CA GLN B 396 37.15 4.77 12.11
C GLN B 396 38.58 5.11 11.69
N ARG B 397 39.28 4.12 11.15
CA ARG B 397 40.57 4.33 10.49
C ARG B 397 40.38 4.93 9.10
N GLU B 398 39.25 4.64 8.45
CA GLU B 398 38.95 5.15 7.12
C GLU B 398 38.29 6.53 7.15
N ARG B 399 37.52 6.84 8.20
CA ARG B 399 36.83 8.13 8.24
C ARG B 399 37.82 9.27 8.40
N ASP B 400 38.96 9.01 9.04
CA ASP B 400 40.08 9.93 9.00
C ASP B 400 40.86 9.80 7.69
N TRP B 401 40.72 8.67 7.00
CA TRP B 401 41.37 8.43 5.72
C TRP B 401 40.43 8.72 4.55
N VAL B 402 39.49 9.63 4.74
CA VAL B 402 38.76 10.22 3.61
C VAL B 402 38.82 11.73 3.57
N LEU B 403 39.09 12.40 4.69
CA LEU B 403 39.74 13.70 4.66
C LEU B 403 41.25 13.55 4.75
N GLN B 404 41.76 12.33 4.50
CA GLN B 404 43.17 12.14 4.23
C GLN B 404 43.66 13.20 3.26
N GLU B 405 43.01 13.28 2.10
CA GLU B 405 43.06 14.47 1.23
C GLU B 405 41.64 14.72 0.73
N PHE B 406 40.88 15.56 1.44
CA PHE B 406 39.68 16.10 0.82
C PHE B 406 39.65 17.62 0.90
N ARG B 407 40.25 18.19 1.94
CA ARG B 407 40.23 19.63 2.13
C ARG B 407 41.25 20.36 1.25
N ASN B 408 42.07 19.64 0.49
CA ASN B 408 43.24 20.19 -0.16
C ASN B 408 43.02 20.53 -1.63
N GLY B 409 42.57 19.58 -2.43
CA GLY B 409 42.60 19.75 -3.87
C GLY B 409 43.06 18.51 -4.61
N ARG B 410 43.57 17.52 -3.85
CA ARG B 410 43.95 16.25 -4.45
C ARG B 410 42.72 15.45 -4.82
N SER B 411 41.84 15.19 -3.85
CA SER B 411 40.65 14.38 -4.08
C SER B 411 39.42 15.23 -3.76
N PRO B 412 38.86 15.90 -4.77
CA PRO B 412 37.74 16.83 -4.53
C PRO B 412 36.43 16.17 -4.17
N ILE B 413 36.19 14.95 -4.63
CA ILE B 413 34.85 14.36 -4.62
C ILE B 413 34.72 13.39 -3.45
N MET B 414 33.76 13.65 -2.57
CA MET B 414 33.48 12.79 -1.44
C MET B 414 31.98 12.51 -1.41
N VAL B 415 31.61 11.24 -1.35
CA VAL B 415 30.21 10.82 -1.39
C VAL B 415 29.89 10.10 -0.09
N ALA B 416 28.73 10.40 0.49
CA ALA B 416 28.42 9.94 1.83
C ALA B 416 26.93 9.77 2.00
N THR B 417 26.55 9.24 3.16
CA THR B 417 25.17 9.10 3.61
C THR B 417 24.81 10.27 4.53
N ASP B 418 23.52 10.34 4.86
CA ASP B 418 23.04 11.38 5.78
C ASP B 418 23.61 11.14 7.17
N VAL B 419 23.48 9.92 7.68
CA VAL B 419 23.98 9.57 9.01
C VAL B 419 25.49 9.68 9.08
N ALA B 420 26.21 9.30 8.03
CA ALA B 420 27.66 9.44 8.09
C ALA B 420 28.11 10.90 8.03
N ALA B 421 27.27 11.80 7.51
CA ALA B 421 27.57 13.21 7.46
C ALA B 421 27.57 13.91 8.83
N ARG B 422 27.21 13.21 9.91
CA ARG B 422 27.02 13.82 11.21
C ARG B 422 28.17 14.72 11.64
N GLY B 423 27.86 16.00 11.84
CA GLY B 423 28.73 16.93 12.52
C GLY B 423 30.15 17.10 12.04
N ILE B 424 30.38 16.93 10.74
CA ILE B 424 31.68 17.24 10.15
C ILE B 424 31.56 18.59 9.46
N ASP B 425 32.49 19.49 9.75
CA ASP B 425 32.47 20.86 9.24
C ASP B 425 33.67 21.07 8.33
N VAL B 426 33.43 21.17 7.03
CA VAL B 426 34.47 21.45 6.05
C VAL B 426 34.13 22.78 5.40
N LYS B 427 35.06 23.72 5.47
CA LYS B 427 34.83 25.06 4.92
C LYS B 427 35.43 25.15 3.52
N GLY B 428 34.73 25.84 2.62
CA GLY B 428 35.19 26.04 1.27
C GLY B 428 34.49 25.20 0.22
N ILE B 429 33.53 24.36 0.60
CA ILE B 429 32.83 23.54 -0.36
C ILE B 429 32.06 24.43 -1.34
N ASN B 430 32.20 24.13 -2.63
CA ASN B 430 31.50 24.88 -3.66
C ASN B 430 30.17 24.25 -4.06
N TYR B 431 30.20 23.00 -4.50
CA TYR B 431 28.99 22.28 -4.91
C TYR B 431 28.64 21.17 -3.94
N VAL B 432 27.34 21.03 -3.65
CA VAL B 432 26.82 19.83 -3.01
C VAL B 432 25.84 19.18 -3.99
N ILE B 433 25.92 17.86 -4.12
CA ILE B 433 25.13 17.13 -5.10
C ILE B 433 24.26 16.14 -4.34
N ASN B 434 22.96 16.39 -4.31
CA ASN B 434 22.02 15.42 -3.76
C ASN B 434 21.74 14.37 -4.83
N TYR B 435 22.55 13.32 -4.88
CA TYR B 435 22.27 12.23 -5.80
C TYR B 435 20.91 11.61 -5.48
N ASP B 436 20.66 11.32 -4.21
CA ASP B 436 19.38 10.80 -3.76
C ASP B 436 18.74 11.82 -2.84
N MET B 437 17.53 12.25 -3.20
CA MET B 437 16.83 13.24 -2.40
C MET B 437 16.45 12.66 -1.04
N PRO B 438 16.67 13.40 0.05
CA PRO B 438 16.39 12.85 1.38
C PRO B 438 14.90 12.67 1.62
N GLY B 439 14.58 12.04 2.75
CA GLY B 439 13.21 11.68 3.05
C GLY B 439 12.47 12.76 3.81
N ASN B 440 13.21 13.57 4.56
CA ASN B 440 12.69 14.76 5.21
C ASN B 440 13.29 16.00 4.54
N ILE B 441 12.85 17.16 4.99
CA ILE B 441 13.36 18.42 4.46
C ILE B 441 14.41 19.06 5.37
N GLU B 442 14.43 18.70 6.65
CA GLU B 442 15.45 19.22 7.54
C GLU B 442 16.81 18.60 7.28
N ASP B 443 16.85 17.54 6.46
CA ASP B 443 18.12 16.98 6.00
C ASP B 443 18.61 17.74 4.78
N TYR B 444 17.73 17.93 3.79
CA TYR B 444 18.03 18.79 2.64
C TYR B 444 18.65 20.12 3.06
N VAL B 445 18.08 20.76 4.08
CA VAL B 445 18.55 22.09 4.44
C VAL B 445 19.92 22.05 5.12
N HIS B 446 20.23 20.96 5.84
CA HIS B 446 21.58 20.81 6.37
C HIS B 446 22.54 20.19 5.37
N ARG B 447 22.03 19.39 4.42
CA ARG B 447 22.87 18.88 3.34
C ARG B 447 23.45 20.05 2.55
N ILE B 448 22.58 20.86 1.95
CA ILE B 448 23.04 21.97 1.11
C ILE B 448 23.59 23.12 1.96
N GLY B 449 23.55 23.00 3.29
CA GLY B 449 24.07 24.03 4.17
C GLY B 449 25.57 23.95 4.36
N ARG B 450 26.18 22.82 3.99
CA ARG B 450 27.63 22.68 4.10
C ARG B 450 28.35 23.45 3.02
N THR B 451 27.60 24.14 2.17
CA THR B 451 28.09 25.10 1.19
C THR B 451 27.54 26.45 1.61
N GLY B 452 28.14 27.52 1.08
CA GLY B 452 27.76 28.84 1.54
C GLY B 452 28.26 28.96 2.96
N ARG B 453 29.57 28.84 3.09
CA ARG B 453 30.27 28.68 4.36
C ARG B 453 30.57 30.05 4.97
N ALA B 454 29.67 30.50 5.86
CA ALA B 454 29.93 31.68 6.70
C ALA B 454 30.48 32.86 5.90
N GLY B 455 29.68 33.34 4.95
CA GLY B 455 30.20 34.32 4.02
C GLY B 455 31.08 33.79 2.91
N ALA B 456 30.51 32.92 2.07
CA ALA B 456 31.18 32.40 0.89
C ALA B 456 30.12 31.87 -0.07
N THR B 457 30.17 32.33 -1.32
CA THR B 457 29.24 31.89 -2.36
C THR B 457 29.38 30.40 -2.66
N GLY B 458 28.26 29.78 -3.00
CA GLY B 458 28.20 28.35 -3.25
C GLY B 458 26.89 28.00 -3.94
N THR B 459 26.82 26.75 -4.41
CA THR B 459 25.67 26.27 -5.17
C THR B 459 25.27 24.88 -4.71
N ALA B 460 24.00 24.56 -4.92
CA ALA B 460 23.40 23.30 -4.46
C ALA B 460 22.63 22.64 -5.59
N ILE B 461 22.87 21.36 -5.79
CA ILE B 461 22.29 20.60 -6.89
C ILE B 461 21.53 19.41 -6.31
N SER B 462 20.25 19.29 -6.67
CA SER B 462 19.37 18.24 -6.16
C SER B 462 18.72 17.52 -7.33
N PHE B 463 18.76 16.18 -7.31
CA PHE B 463 18.15 15.36 -8.35
C PHE B 463 16.81 14.83 -7.83
N PHE B 464 15.73 15.53 -8.20
CA PHE B 464 14.38 15.20 -7.76
C PHE B 464 13.78 14.08 -8.59
N THR B 465 13.22 13.08 -7.92
CA THR B 465 12.55 11.97 -8.59
C THR B 465 11.06 11.99 -8.22
N GLU B 466 10.29 11.08 -8.81
CA GLU B 466 8.87 11.01 -8.54
C GLU B 466 8.59 10.36 -7.19
N GLN B 467 9.54 9.59 -6.65
CA GLN B 467 9.36 8.95 -5.36
C GLN B 467 9.82 9.86 -4.23
N ASN B 468 9.99 11.15 -4.52
CA ASN B 468 10.16 12.19 -3.53
C ASN B 468 8.97 13.16 -3.58
N LYS B 469 7.87 12.74 -4.23
CA LYS B 469 6.67 13.57 -4.32
C LYS B 469 6.24 14.13 -2.97
N GLY B 470 6.42 13.36 -1.90
CA GLY B 470 5.89 13.77 -0.61
C GLY B 470 6.53 15.03 -0.08
N LEU B 471 7.85 15.15 -0.20
CA LEU B 471 8.50 16.39 0.18
C LEU B 471 8.62 17.35 -1.00
N GLY B 472 8.22 16.91 -2.19
CA GLY B 472 7.97 17.82 -3.29
C GLY B 472 7.11 18.99 -2.84
N ALA B 473 6.10 18.71 -2.03
CA ALA B 473 5.22 19.76 -1.54
C ALA B 473 6.01 20.62 -0.58
N LYS B 474 6.35 21.82 -1.04
CA LYS B 474 7.12 22.81 -0.30
C LYS B 474 8.52 22.28 0.06
N LEU B 475 9.22 21.79 -0.97
CA LEU B 475 10.64 22.10 -1.09
C LEU B 475 10.81 23.56 -1.43
N ILE B 476 9.88 24.09 -2.23
CA ILE B 476 9.86 25.49 -2.64
C ILE B 476 9.78 26.45 -1.45
N SER B 477 9.18 26.01 -0.33
CA SER B 477 9.16 26.86 0.86
C SER B 477 10.55 27.20 1.34
N ILE B 478 11.56 26.45 0.89
CA ILE B 478 12.94 26.74 1.21
C ILE B 478 13.65 27.42 0.04
N MET B 479 13.13 27.29 -1.18
CA MET B 479 13.75 27.87 -2.36
C MET B 479 13.30 29.30 -2.65
N ARG B 480 11.99 29.57 -2.61
CA ARG B 480 11.56 30.95 -2.81
C ARG B 480 11.71 31.78 -1.54
N GLU B 481 11.92 31.14 -0.40
CA GLU B 481 12.45 31.84 0.76
C GLU B 481 13.83 32.41 0.44
N ALA B 482 14.58 31.73 -0.41
CA ALA B 482 15.93 32.12 -0.80
C ALA B 482 16.00 32.57 -2.26
N ASN B 483 14.84 32.74 -2.91
CA ASN B 483 14.75 33.29 -4.26
C ASN B 483 15.57 32.53 -5.31
N GLN B 484 15.21 31.25 -5.51
CA GLN B 484 15.85 30.45 -6.55
C GLN B 484 14.83 29.90 -7.54
N ASN B 485 15.38 29.34 -8.62
CA ASN B 485 14.62 28.79 -9.73
C ASN B 485 13.79 27.57 -9.35
N ILE B 486 12.55 27.52 -9.84
CA ILE B 486 11.69 26.36 -9.61
C ILE B 486 11.37 25.69 -10.94
N PRO B 487 11.86 24.47 -11.15
CA PRO B 487 11.52 23.69 -12.36
C PRO B 487 10.02 23.59 -12.61
N PRO B 488 9.59 23.64 -13.87
CA PRO B 488 8.16 23.47 -14.18
C PRO B 488 7.61 22.11 -13.77
N GLU B 489 8.46 21.09 -13.62
CA GLU B 489 8.03 19.76 -13.20
C GLU B 489 7.91 19.64 -11.70
N LEU B 490 8.40 20.62 -10.96
CA LEU B 490 8.23 20.74 -9.52
C LEU B 490 6.93 21.46 -9.17
N LEU B 491 6.30 22.13 -10.14
CA LEU B 491 5.07 22.87 -9.91
C LEU B 491 3.93 21.93 -9.53
N LYS B 492 3.98 20.69 -9.99
CA LYS B 492 2.90 19.71 -9.84
C LYS B 492 2.67 19.36 -8.37
N TYR B 493 3.49 19.95 -7.49
CA TYR B 493 3.55 19.63 -6.08
C TYR B 493 3.48 20.88 -5.22
N ASP B 494 2.94 21.99 -5.75
CA ASP B 494 3.17 23.29 -5.13
C ASP B 494 2.52 23.39 -3.75
N ARG B 495 1.21 23.23 -3.67
CA ARG B 495 0.51 23.39 -2.40
C ARG B 495 -0.18 22.08 -2.00
N ARG B 496 -0.83 22.12 -0.84
CA ARG B 496 -1.39 20.94 -0.18
C ARG B 496 -0.32 19.89 0.07
N GLU C 57 -16.20 -34.78 -30.10
CA GLU C 57 -16.78 -34.04 -28.98
C GLU C 57 -15.70 -33.20 -28.28
N LEU C 58 -14.55 -33.83 -28.07
CA LEU C 58 -13.41 -33.21 -27.40
C LEU C 58 -13.12 -31.79 -27.88
N ILE C 59 -12.89 -31.63 -29.20
CA ILE C 59 -11.77 -30.84 -29.70
C ILE C 59 -11.67 -29.50 -28.98
N LYS C 60 -10.45 -29.22 -28.49
CA LYS C 60 -10.18 -28.03 -27.69
C LYS C 60 -9.83 -26.85 -28.59
N PRO C 61 -10.69 -25.83 -28.68
CA PRO C 61 -10.42 -24.68 -29.56
C PRO C 61 -9.02 -24.09 -29.38
N ASN C 62 -8.55 -23.43 -30.44
CA ASN C 62 -7.38 -22.56 -30.38
C ASN C 62 -7.87 -21.12 -30.32
N TRP C 63 -7.58 -20.43 -29.22
CA TRP C 63 -8.28 -19.19 -28.92
C TRP C 63 -7.59 -17.95 -29.48
N ASP C 64 -6.60 -18.12 -30.35
CA ASP C 64 -6.24 -17.04 -31.26
C ASP C 64 -6.81 -17.23 -32.65
N GLU C 65 -7.19 -18.46 -33.01
CA GLU C 65 -8.02 -18.70 -34.18
C GLU C 65 -9.48 -18.31 -33.94
N GLU C 66 -10.11 -18.94 -32.95
CA GLU C 66 -11.55 -18.82 -32.75
C GLU C 66 -11.99 -17.49 -32.15
N LEU C 67 -11.10 -16.75 -31.51
CA LEU C 67 -11.58 -15.63 -30.70
C LEU C 67 -12.00 -14.43 -31.53
N PRO C 68 -11.23 -14.00 -32.54
CA PRO C 68 -11.70 -12.88 -33.37
C PRO C 68 -12.93 -13.21 -34.20
N LYS C 69 -13.22 -14.49 -34.45
CA LYS C 69 -14.48 -14.90 -35.07
C LYS C 69 -15.70 -14.40 -34.32
N LEU C 70 -15.58 -14.10 -33.02
CA LEU C 70 -16.72 -14.04 -32.13
C LEU C 70 -17.18 -12.60 -31.92
N PRO C 71 -18.48 -12.41 -31.62
CA PRO C 71 -18.97 -11.07 -31.25
C PRO C 71 -18.39 -10.61 -29.93
N THR C 72 -18.72 -9.38 -29.51
CA THR C 72 -17.99 -8.72 -28.43
C THR C 72 -18.98 -8.05 -27.49
N PHE C 73 -18.73 -8.24 -26.21
CA PHE C 73 -19.61 -7.87 -25.10
C PHE C 73 -18.89 -6.86 -24.21
N GLU C 74 -19.54 -6.52 -23.10
CA GLU C 74 -18.84 -5.92 -21.98
C GLU C 74 -19.22 -6.65 -20.71
N LYS C 75 -18.31 -6.64 -19.74
CA LYS C 75 -18.57 -7.22 -18.43
C LYS C 75 -18.96 -6.16 -17.41
N ASN C 76 -18.83 -4.88 -17.74
CA ASN C 76 -18.88 -3.79 -16.77
C ASN C 76 -20.24 -3.12 -16.86
N PHE C 77 -21.01 -3.23 -15.78
CA PHE C 77 -22.32 -2.59 -15.67
C PHE C 77 -22.48 -1.92 -14.32
N TYR C 78 -21.36 -1.57 -13.70
CA TYR C 78 -21.34 -0.91 -12.41
C TYR C 78 -20.91 0.54 -12.60
N VAL C 79 -21.43 1.41 -11.74
CA VAL C 79 -21.05 2.82 -11.72
C VAL C 79 -20.92 3.24 -10.25
N GLU C 80 -19.67 3.44 -9.80
CA GLU C 80 -19.44 3.88 -8.43
C GLU C 80 -20.32 5.07 -8.09
N HIS C 81 -21.19 4.90 -7.10
CA HIS C 81 -21.80 6.04 -6.44
C HIS C 81 -20.71 6.84 -5.75
N GLU C 82 -21.05 8.06 -5.34
CA GLU C 82 -20.20 8.75 -4.38
C GLU C 82 -20.82 8.84 -3.01
N SER C 83 -22.11 8.51 -2.88
CA SER C 83 -22.68 8.23 -1.57
C SER C 83 -21.88 7.14 -0.88
N VAL C 84 -21.66 6.02 -1.58
CA VAL C 84 -20.91 4.94 -0.98
C VAL C 84 -19.50 5.42 -0.64
N ARG C 85 -18.80 6.02 -1.61
CA ARG C 85 -17.43 6.56 -1.59
C ARG C 85 -17.14 7.26 -2.91
N ASP C 86 -16.13 8.13 -2.93
CA ASP C 86 -15.04 8.24 -1.95
C ASP C 86 -15.50 8.74 -0.61
N ARG C 87 -15.12 7.92 0.37
CA ARG C 87 -15.25 8.17 1.80
C ARG C 87 -14.03 7.44 2.34
N SER C 88 -12.94 8.18 2.58
CA SER C 88 -11.65 7.52 2.62
C SER C 88 -11.62 6.54 3.77
N ASP C 89 -11.23 5.29 3.47
CA ASP C 89 -11.49 4.20 4.40
C ASP C 89 -11.06 4.51 5.82
N SER C 90 -12.02 4.52 6.74
CA SER C 90 -11.94 3.95 8.06
C SER C 90 -13.19 3.14 8.37
N GLU C 91 -14.22 3.31 7.56
CA GLU C 91 -15.59 2.82 7.72
C GLU C 91 -15.77 1.47 7.06
N ILE C 92 -15.21 1.29 5.86
CA ILE C 92 -15.20 -0.02 5.23
C ILE C 92 -14.30 -0.95 6.01
N ALA C 93 -13.20 -0.44 6.54
CA ALA C 93 -12.34 -1.23 7.41
C ALA C 93 -13.16 -1.80 8.56
N GLN C 94 -13.96 -0.96 9.20
CA GLN C 94 -14.92 -1.44 10.18
C GLN C 94 -15.85 -2.48 9.58
N PHE C 95 -16.36 -2.21 8.38
CA PHE C 95 -17.35 -3.10 7.75
C PHE C 95 -16.76 -4.48 7.48
N ARG C 96 -15.55 -4.55 6.92
CA ARG C 96 -15.00 -5.84 6.52
C ARG C 96 -14.30 -6.53 7.68
N LYS C 97 -13.69 -5.77 8.60
CA LYS C 97 -13.16 -6.39 9.81
C LYS C 97 -14.27 -6.76 10.78
N GLU C 98 -15.49 -6.30 10.52
CA GLU C 98 -16.68 -6.89 11.13
C GLU C 98 -16.99 -8.22 10.45
N ASN C 99 -17.20 -8.20 9.14
CA ASN C 99 -17.50 -9.39 8.34
C ASN C 99 -16.30 -10.33 8.19
N GLU C 100 -15.16 -10.03 8.82
CA GLU C 100 -13.97 -10.90 8.80
C GLU C 100 -13.50 -11.21 7.38
N MET C 101 -13.75 -10.29 6.46
CA MET C 101 -13.34 -10.50 5.08
C MET C 101 -11.88 -10.12 4.89
N THR C 102 -11.19 -10.87 4.02
CA THR C 102 -9.81 -10.60 3.66
C THR C 102 -9.77 -10.57 2.14
N ILE C 103 -10.01 -9.38 1.57
CA ILE C 103 -9.89 -9.20 0.13
C ILE C 103 -8.42 -9.23 -0.28
N SER C 104 -8.19 -9.43 -1.59
CA SER C 104 -6.84 -9.53 -2.14
C SER C 104 -6.86 -9.33 -3.64
N GLY C 105 -6.05 -8.41 -4.14
CA GLY C 105 -5.83 -8.27 -5.56
C GLY C 105 -5.97 -6.84 -6.05
N HIS C 106 -5.86 -6.70 -7.38
CA HIS C 106 -5.84 -5.41 -8.07
C HIS C 106 -7.01 -4.51 -7.72
N ASP C 107 -6.69 -3.33 -7.16
CA ASP C 107 -7.56 -2.14 -7.09
C ASP C 107 -9.03 -2.51 -6.78
N ILE C 108 -9.19 -3.19 -5.65
CA ILE C 108 -10.48 -3.79 -5.30
C ILE C 108 -11.53 -2.69 -5.13
N PRO C 109 -12.71 -2.80 -5.74
CA PRO C 109 -13.72 -1.77 -5.54
C PRO C 109 -14.27 -1.85 -4.14
N LYS C 110 -14.58 -0.71 -3.63
CA LYS C 110 -14.90 -0.65 -2.21
C LYS C 110 -16.37 -0.98 -1.98
N PRO C 111 -16.76 -1.64 -0.88
CA PRO C 111 -18.12 -2.18 -0.74
C PRO C 111 -19.26 -1.16 -0.69
N ILE C 112 -20.40 -1.56 -1.26
CA ILE C 112 -21.66 -0.80 -1.21
C ILE C 112 -22.40 -1.08 0.10
N THR C 113 -22.92 -0.02 0.73
CA THR C 113 -23.51 -0.13 2.06
C THR C 113 -25.03 -0.32 2.04
N THR C 114 -25.71 0.01 0.93
CA THR C 114 -27.16 -0.09 0.86
C THR C 114 -27.60 -0.43 -0.56
N PHE C 115 -28.77 -1.08 -0.66
CA PHE C 115 -29.29 -1.57 -1.94
C PHE C 115 -29.18 -0.55 -3.07
N ASP C 116 -29.36 0.74 -2.76
CA ASP C 116 -29.32 1.76 -3.80
C ASP C 116 -27.92 1.86 -4.41
N GLU C 117 -26.91 2.03 -3.56
CA GLU C 117 -25.55 2.23 -4.03
C GLU C 117 -25.00 1.05 -4.82
N ALA C 118 -25.74 -0.07 -4.89
CA ALA C 118 -25.26 -1.24 -5.63
C ALA C 118 -25.02 -0.91 -7.10
N GLY C 119 -25.81 -0.01 -7.68
CA GLY C 119 -25.67 0.35 -9.07
C GLY C 119 -26.52 -0.47 -10.02
N PHE C 120 -27.63 -1.03 -9.53
CA PHE C 120 -28.46 -1.91 -10.33
C PHE C 120 -29.44 -1.11 -11.18
N PRO C 121 -29.95 -1.71 -12.23
CA PRO C 121 -31.08 -1.10 -12.95
C PRO C 121 -32.36 -1.34 -12.16
N ASP C 122 -33.43 -0.67 -12.60
CA ASP C 122 -34.58 -0.50 -11.71
C ASP C 122 -35.34 -1.81 -11.49
N TYR C 123 -35.47 -2.63 -12.52
CA TYR C 123 -36.23 -3.88 -12.36
C TYR C 123 -35.58 -4.77 -11.31
N VAL C 124 -34.25 -4.85 -11.32
CA VAL C 124 -33.54 -5.55 -10.25
C VAL C 124 -33.65 -4.78 -8.93
N LEU C 125 -33.20 -3.53 -8.92
CA LEU C 125 -33.15 -2.71 -7.70
C LEU C 125 -34.46 -2.77 -6.92
N ASN C 126 -35.59 -2.80 -7.62
CA ASN C 126 -36.89 -2.79 -6.96
C ASN C 126 -37.26 -4.16 -6.42
N GLU C 127 -36.90 -5.23 -7.14
CA GLU C 127 -37.22 -6.57 -6.67
C GLU C 127 -36.30 -7.01 -5.53
N VAL C 128 -35.00 -6.66 -5.59
CA VAL C 128 -34.12 -7.00 -4.47
C VAL C 128 -34.53 -6.22 -3.22
N LYS C 129 -35.13 -5.04 -3.38
CA LYS C 129 -35.61 -4.28 -2.24
C LYS C 129 -36.88 -4.88 -1.68
N ALA C 130 -37.75 -5.42 -2.54
CA ALA C 130 -38.99 -6.02 -2.07
C ALA C 130 -38.76 -7.46 -1.61
N GLU C 131 -37.83 -7.65 -0.67
CA GLU C 131 -37.72 -8.89 0.07
C GLU C 131 -37.57 -8.65 1.57
N GLY C 132 -37.65 -7.40 2.02
CA GLY C 132 -37.84 -7.06 3.41
C GLY C 132 -36.59 -6.89 4.24
N PHE C 133 -35.40 -7.18 3.71
CA PHE C 133 -34.18 -6.84 4.44
C PHE C 133 -33.83 -5.38 4.20
N ASP C 134 -33.49 -4.67 5.28
CA ASP C 134 -33.12 -3.26 5.13
C ASP C 134 -31.89 -3.07 4.25
N LYS C 135 -30.88 -3.92 4.41
CA LYS C 135 -29.59 -3.73 3.78
C LYS C 135 -29.10 -5.01 3.12
N PRO C 136 -28.15 -4.89 2.19
CA PRO C 136 -27.59 -6.10 1.56
C PRO C 136 -26.76 -6.91 2.53
N THR C 137 -26.73 -8.22 2.27
CA THR C 137 -25.79 -9.12 2.93
C THR C 137 -24.35 -8.61 2.76
N GLY C 138 -23.49 -8.97 3.72
CA GLY C 138 -22.05 -8.77 3.64
C GLY C 138 -21.43 -9.24 2.34
N ILE C 139 -21.58 -10.55 2.08
CA ILE C 139 -21.17 -11.16 0.82
C ILE C 139 -21.63 -10.34 -0.39
N GLN C 140 -22.84 -9.76 -0.30
CA GLN C 140 -23.41 -9.01 -1.41
C GLN C 140 -22.86 -7.59 -1.48
N CYS C 141 -22.57 -6.98 -0.34
CA CYS C 141 -22.07 -5.60 -0.31
C CYS C 141 -20.71 -5.51 -0.96
N GLN C 142 -19.88 -6.54 -0.80
CA GLN C 142 -18.55 -6.57 -1.37
C GLN C 142 -18.47 -7.34 -2.68
N GLY C 143 -19.43 -8.23 -2.93
CA GLY C 143 -19.43 -9.04 -4.14
C GLY C 143 -20.07 -8.38 -5.34
N TRP C 144 -21.18 -7.66 -5.14
CA TRP C 144 -21.82 -6.97 -6.26
C TRP C 144 -20.91 -5.99 -6.98
N PRO C 145 -20.20 -5.07 -6.29
CA PRO C 145 -19.28 -4.18 -7.03
C PRO C 145 -18.32 -4.93 -7.93
N MET C 146 -17.62 -5.93 -7.37
CA MET C 146 -16.64 -6.70 -8.14
C MET C 146 -17.28 -7.41 -9.33
N ALA C 147 -18.51 -7.91 -9.16
CA ALA C 147 -19.14 -8.68 -10.23
C ALA C 147 -19.74 -7.77 -11.28
N LEU C 148 -20.44 -6.71 -10.85
CA LEU C 148 -21.05 -5.77 -11.78
C LEU C 148 -20.00 -5.06 -12.61
N SER C 149 -18.83 -4.79 -12.03
CA SER C 149 -17.75 -4.18 -12.78
C SER C 149 -17.08 -5.18 -13.72
N GLY C 150 -17.25 -6.48 -13.50
CA GLY C 150 -16.91 -7.48 -14.49
C GLY C 150 -15.70 -8.33 -14.19
N ARG C 151 -15.00 -8.06 -13.08
CA ARG C 151 -13.77 -8.76 -12.75
C ARG C 151 -14.04 -10.19 -12.33
N ASP C 152 -13.03 -11.04 -12.50
CA ASP C 152 -13.07 -12.41 -11.99
C ASP C 152 -12.77 -12.40 -10.49
N MET C 153 -13.22 -13.44 -9.81
CA MET C 153 -13.11 -13.44 -8.36
C MET C 153 -13.22 -14.85 -7.80
N VAL C 154 -12.40 -15.12 -6.79
CA VAL C 154 -12.42 -16.37 -6.04
C VAL C 154 -13.06 -16.04 -4.71
N GLY C 155 -14.26 -16.57 -4.47
CA GLY C 155 -14.87 -16.36 -3.17
C GLY C 155 -14.69 -17.54 -2.23
N ILE C 156 -13.95 -17.35 -1.15
CA ILE C 156 -13.76 -18.35 -0.11
C ILE C 156 -14.76 -18.07 1.01
N ALA C 157 -15.88 -18.77 0.98
CA ALA C 157 -16.95 -18.55 1.96
C ALA C 157 -17.42 -19.88 2.52
N ALA C 158 -18.16 -19.79 3.62
CA ALA C 158 -18.76 -20.97 4.24
C ALA C 158 -19.72 -21.65 3.28
N THR C 159 -19.75 -22.98 3.37
CA THR C 159 -20.66 -23.79 2.56
C THR C 159 -22.10 -23.40 2.84
N GLY C 160 -22.80 -22.92 1.82
CA GLY C 160 -24.14 -22.40 2.02
C GLY C 160 -24.25 -20.97 2.55
N SER C 161 -23.24 -20.13 2.27
CA SER C 161 -23.35 -18.70 2.52
C SER C 161 -24.33 -18.07 1.54
N GLY C 162 -24.63 -16.79 1.76
CA GLY C 162 -25.54 -16.11 0.85
C GLY C 162 -24.89 -15.72 -0.46
N LYS C 163 -24.22 -16.68 -1.09
CA LYS C 163 -23.57 -16.47 -2.37
C LYS C 163 -24.56 -16.07 -3.46
N THR C 164 -25.56 -16.93 -3.72
CA THR C 164 -26.24 -17.00 -5.01
C THR C 164 -26.57 -15.64 -5.62
N LEU C 165 -27.22 -14.76 -4.86
CA LEU C 165 -27.61 -13.45 -5.37
C LEU C 165 -26.42 -12.53 -5.63
N SER C 166 -25.25 -12.86 -5.09
CA SER C 166 -24.07 -12.04 -5.34
C SER C 166 -23.68 -12.09 -6.81
N TYR C 167 -23.74 -13.28 -7.41
CA TYR C 167 -23.33 -13.40 -8.81
C TYR C 167 -24.48 -13.55 -9.79
N CYS C 168 -25.69 -13.90 -9.32
CA CYS C 168 -26.81 -14.01 -10.26
C CYS C 168 -27.28 -12.65 -10.74
N LEU C 169 -27.58 -11.74 -9.81
CA LEU C 169 -28.08 -10.43 -10.22
C LEU C 169 -27.16 -9.72 -11.21
N PRO C 170 -25.83 -9.73 -11.04
CA PRO C 170 -24.97 -9.21 -12.12
C PRO C 170 -25.07 -10.01 -13.41
N GLY C 171 -25.17 -11.34 -13.32
CA GLY C 171 -25.38 -12.15 -14.52
C GLY C 171 -26.62 -11.75 -15.29
N ILE C 172 -27.65 -11.27 -14.60
CA ILE C 172 -28.87 -10.80 -15.25
C ILE C 172 -28.57 -9.49 -15.98
N VAL C 173 -28.08 -8.49 -15.24
CA VAL C 173 -27.59 -7.25 -15.84
C VAL C 173 -26.62 -7.53 -16.98
N HIS C 174 -25.90 -8.66 -16.90
CA HIS C 174 -25.01 -9.07 -17.98
C HIS C 174 -25.80 -9.50 -19.22
N ILE C 175 -26.81 -10.35 -19.04
CA ILE C 175 -27.55 -10.93 -20.16
C ILE C 175 -28.27 -9.85 -20.96
N ASN C 176 -28.84 -8.85 -20.27
CA ASN C 176 -29.75 -7.94 -20.95
C ASN C 176 -29.01 -7.06 -21.95
N ALA C 177 -27.80 -6.61 -21.59
CA ALA C 177 -26.99 -5.85 -22.54
C ALA C 177 -26.65 -6.66 -23.79
N GLN C 178 -26.61 -7.98 -23.68
CA GLN C 178 -26.18 -8.84 -24.77
C GLN C 178 -27.28 -9.02 -25.81
N PRO C 179 -26.91 -9.02 -27.09
CA PRO C 179 -27.88 -9.27 -28.17
C PRO C 179 -28.76 -10.50 -27.91
N LEU C 180 -30.02 -10.35 -28.29
CA LEU C 180 -31.06 -11.36 -28.14
C LEU C 180 -30.60 -12.70 -28.69
N LEU C 181 -31.15 -13.78 -28.12
CA LEU C 181 -30.65 -15.13 -28.35
C LEU C 181 -31.11 -15.62 -29.73
N ALA C 182 -30.13 -15.76 -30.64
CA ALA C 182 -30.25 -16.04 -32.07
C ALA C 182 -30.70 -17.48 -32.36
N PRO C 183 -30.93 -17.83 -33.64
CA PRO C 183 -31.45 -19.17 -33.98
C PRO C 183 -30.46 -20.33 -33.83
N GLY C 184 -30.19 -20.77 -32.60
CA GLY C 184 -29.12 -21.73 -32.37
C GLY C 184 -28.27 -21.50 -31.14
N ASP C 185 -28.54 -20.43 -30.41
CA ASP C 185 -27.61 -19.90 -29.43
C ASP C 185 -27.88 -20.48 -28.05
N GLY C 186 -26.86 -21.15 -27.50
CA GLY C 186 -26.88 -21.66 -26.16
C GLY C 186 -26.77 -20.57 -25.11
N PRO C 187 -26.75 -20.98 -23.85
CA PRO C 187 -26.83 -20.02 -22.73
C PRO C 187 -25.72 -18.98 -22.76
N ILE C 188 -26.00 -17.85 -22.11
CA ILE C 188 -25.00 -16.82 -21.84
C ILE C 188 -24.34 -17.04 -20.49
N VAL C 189 -25.14 -17.31 -19.47
CA VAL C 189 -24.66 -17.58 -18.12
C VAL C 189 -24.74 -19.09 -17.86
N LEU C 190 -23.62 -19.67 -17.45
CA LEU C 190 -23.54 -21.10 -17.19
C LEU C 190 -23.00 -21.28 -15.78
N VAL C 191 -23.83 -21.85 -14.91
CA VAL C 191 -23.53 -22.05 -13.50
C VAL C 191 -23.34 -23.55 -13.26
N LEU C 192 -22.11 -23.94 -12.92
CA LEU C 192 -21.81 -25.33 -12.57
C LEU C 192 -21.92 -25.49 -11.06
N ALA C 193 -22.94 -26.23 -10.60
CA ALA C 193 -23.01 -26.63 -9.21
C ALA C 193 -22.55 -28.08 -9.05
N PRO C 194 -22.34 -28.53 -7.80
CA PRO C 194 -22.06 -29.96 -7.57
C PRO C 194 -23.28 -30.86 -7.53
N THR C 195 -24.43 -30.33 -7.15
CA THR C 195 -25.55 -31.20 -6.76
C THR C 195 -26.89 -30.59 -7.17
N ARG C 196 -27.82 -31.48 -7.51
CA ARG C 196 -29.24 -31.14 -7.69
C ARG C 196 -29.76 -30.21 -6.59
N GLU C 197 -29.37 -30.46 -5.33
CA GLU C 197 -29.90 -29.67 -4.22
C GLU C 197 -29.56 -28.19 -4.37
N LEU C 198 -28.32 -27.89 -4.75
CA LEU C 198 -27.92 -26.50 -4.95
C LEU C 198 -28.38 -26.00 -6.30
N ALA C 199 -28.19 -26.80 -7.35
CA ALA C 199 -28.61 -26.50 -8.71
C ALA C 199 -30.02 -25.93 -8.77
N VAL C 200 -30.92 -26.42 -7.91
CA VAL C 200 -32.32 -26.01 -7.96
C VAL C 200 -32.52 -24.72 -7.19
N GLN C 201 -31.88 -24.56 -6.03
CA GLN C 201 -32.04 -23.32 -5.29
C GLN C 201 -31.30 -22.16 -5.96
N ILE C 202 -30.27 -22.45 -6.77
CA ILE C 202 -29.78 -21.47 -7.73
C ILE C 202 -30.90 -21.08 -8.68
N GLN C 203 -31.61 -22.08 -9.19
CA GLN C 203 -32.61 -21.89 -10.23
C GLN C 203 -33.79 -21.07 -9.72
N THR C 204 -34.32 -21.43 -8.55
CA THR C 204 -35.47 -20.73 -8.01
C THR C 204 -35.16 -19.26 -7.72
N GLU C 205 -33.87 -18.89 -7.68
CA GLU C 205 -33.51 -17.48 -7.61
C GLU C 205 -33.57 -16.81 -8.98
N CYS C 206 -33.04 -17.47 -10.01
CA CYS C 206 -33.07 -16.92 -11.37
C CYS C 206 -34.49 -16.78 -11.87
N SER C 207 -35.32 -17.81 -11.62
CA SER C 207 -36.73 -17.72 -11.95
C SER C 207 -37.36 -16.49 -11.30
N LYS C 208 -37.03 -16.23 -10.03
CA LYS C 208 -37.56 -15.07 -9.33
C LYS C 208 -37.05 -13.77 -9.95
N PHE C 209 -35.74 -13.61 -10.01
CA PHE C 209 -35.13 -12.32 -10.28
C PHE C 209 -34.95 -12.05 -11.78
N GLY C 210 -35.37 -12.98 -12.62
CA GLY C 210 -35.25 -12.85 -14.06
C GLY C 210 -36.57 -12.59 -14.75
N HIS C 211 -37.66 -13.10 -14.15
CA HIS C 211 -39.01 -12.98 -14.71
C HIS C 211 -39.34 -11.57 -15.18
N SER C 212 -38.89 -10.55 -14.45
CA SER C 212 -39.08 -9.15 -14.86
C SER C 212 -38.67 -8.91 -16.31
N SER C 213 -37.77 -9.73 -16.83
CA SER C 213 -37.26 -9.65 -18.20
C SER C 213 -37.35 -11.05 -18.82
N ARG C 214 -36.79 -11.23 -20.02
CA ARG C 214 -36.85 -12.57 -20.62
C ARG C 214 -36.18 -13.62 -19.75
N ILE C 215 -34.86 -13.46 -19.52
CA ILE C 215 -34.01 -14.25 -18.63
C ILE C 215 -34.60 -15.64 -18.41
N ARG C 216 -34.46 -16.53 -19.38
CA ARG C 216 -35.02 -17.86 -19.27
C ARG C 216 -33.93 -18.82 -18.78
N ASN C 217 -34.22 -19.59 -17.73
CA ASN C 217 -33.28 -20.58 -17.23
C ASN C 217 -33.79 -21.99 -17.49
N THR C 218 -32.85 -22.90 -17.78
CA THR C 218 -33.08 -24.34 -17.75
C THR C 218 -32.01 -24.97 -16.88
N CYS C 219 -32.41 -25.97 -16.10
CA CYS C 219 -31.56 -26.57 -15.08
C CYS C 219 -31.46 -28.07 -15.30
N VAL C 220 -30.25 -28.55 -15.58
CA VAL C 220 -30.03 -29.93 -15.98
C VAL C 220 -29.12 -30.60 -14.94
N TYR C 221 -29.69 -31.55 -14.19
CA TYR C 221 -28.95 -32.35 -13.22
C TYR C 221 -29.14 -33.83 -13.50
N GLY C 222 -28.03 -34.56 -13.54
CA GLY C 222 -27.96 -35.99 -13.75
C GLY C 222 -28.70 -36.79 -12.69
N GLY C 223 -29.73 -37.55 -13.06
CA GLY C 223 -30.72 -37.94 -12.09
C GLY C 223 -32.18 -37.65 -12.39
N VAL C 224 -32.52 -37.37 -13.65
CA VAL C 224 -33.91 -37.14 -14.09
C VAL C 224 -34.02 -37.59 -15.54
N PRO C 225 -35.23 -37.71 -16.11
CA PRO C 225 -35.36 -38.30 -17.46
C PRO C 225 -34.50 -37.61 -18.50
N LYS C 226 -33.55 -38.36 -19.06
CA LYS C 226 -32.72 -37.83 -20.14
C LYS C 226 -33.55 -37.35 -21.33
N SER C 227 -34.78 -37.86 -21.49
CA SER C 227 -35.62 -37.46 -22.61
C SER C 227 -36.13 -36.03 -22.44
N GLN C 228 -36.74 -35.74 -21.27
CA GLN C 228 -37.24 -34.39 -21.00
C GLN C 228 -36.10 -33.37 -21.03
N GLN C 229 -34.95 -33.73 -20.46
CA GLN C 229 -33.83 -32.79 -20.39
C GLN C 229 -33.37 -32.35 -21.77
N ILE C 230 -33.52 -33.22 -22.78
CA ILE C 230 -33.27 -32.84 -24.16
C ILE C 230 -34.21 -31.72 -24.58
N ARG C 231 -35.39 -31.65 -23.98
CA ARG C 231 -36.46 -30.77 -24.44
C ARG C 231 -36.56 -29.51 -23.60
N ASP C 232 -36.38 -29.59 -22.29
CA ASP C 232 -36.16 -28.39 -21.48
C ASP C 232 -35.05 -27.55 -22.10
N LEU C 233 -33.96 -28.20 -22.49
CA LEU C 233 -32.82 -27.54 -23.10
C LEU C 233 -33.08 -27.09 -24.53
N SER C 234 -34.14 -27.56 -25.18
CA SER C 234 -34.31 -27.21 -26.57
C SER C 234 -34.71 -25.74 -26.72
N ARG C 235 -35.67 -25.28 -25.93
CA ARG C 235 -36.06 -23.87 -25.99
C ARG C 235 -34.94 -23.02 -25.43
N GLY C 236 -34.22 -22.32 -26.32
CA GLY C 236 -33.04 -21.58 -25.90
C GLY C 236 -33.26 -20.76 -24.65
N SER C 237 -32.52 -21.14 -23.62
CA SER C 237 -32.43 -20.43 -22.36
C SER C 237 -31.15 -19.59 -22.35
N GLU C 238 -31.19 -18.48 -21.62
CA GLU C 238 -29.96 -17.72 -21.45
C GLU C 238 -29.10 -18.23 -20.32
N ILE C 239 -29.71 -18.89 -19.33
CA ILE C 239 -29.00 -19.44 -18.18
C ILE C 239 -29.19 -20.95 -18.16
N VAL C 240 -28.09 -21.69 -18.13
CA VAL C 240 -28.13 -23.12 -17.88
C VAL C 240 -27.40 -23.35 -16.56
N ILE C 241 -28.11 -23.89 -15.58
CA ILE C 241 -27.55 -24.32 -14.30
C ILE C 241 -27.39 -25.82 -14.35
N ALA C 242 -26.15 -26.30 -14.37
CA ALA C 242 -25.89 -27.71 -14.62
C ALA C 242 -24.86 -28.27 -13.66
N THR C 243 -25.10 -29.49 -13.17
CA THR C 243 -24.00 -30.27 -12.63
C THR C 243 -23.17 -30.81 -13.79
N PRO C 244 -21.85 -30.91 -13.63
CA PRO C 244 -21.02 -31.24 -14.81
C PRO C 244 -21.29 -32.62 -15.37
N GLY C 245 -21.86 -33.53 -14.58
CA GLY C 245 -22.25 -34.82 -15.11
C GLY C 245 -23.14 -34.79 -16.34
N ARG C 246 -24.38 -34.27 -16.19
CA ARG C 246 -25.28 -34.25 -17.33
C ARG C 246 -25.04 -33.08 -18.27
N LEU C 247 -24.27 -32.06 -17.87
CA LEU C 247 -23.91 -31.03 -18.83
C LEU C 247 -23.07 -31.61 -19.95
N ILE C 248 -22.14 -32.50 -19.61
CA ILE C 248 -21.25 -33.06 -20.61
C ILE C 248 -22.00 -34.08 -21.46
N ASP C 249 -23.03 -34.72 -20.92
CA ASP C 249 -23.87 -35.59 -21.72
C ASP C 249 -24.54 -34.83 -22.85
N MET C 250 -25.36 -33.84 -22.49
CA MET C 250 -26.06 -33.02 -23.48
C MET C 250 -25.09 -32.37 -24.47
N LEU C 251 -23.91 -31.96 -23.98
CA LEU C 251 -22.93 -31.32 -24.86
C LEU C 251 -22.49 -32.25 -25.98
N GLU C 252 -22.24 -33.52 -25.64
CA GLU C 252 -21.69 -34.48 -26.59
C GLU C 252 -22.71 -34.94 -27.60
N ILE C 253 -24.00 -34.72 -27.35
CA ILE C 253 -25.05 -35.04 -28.30
C ILE C 253 -25.72 -33.76 -28.83
N GLY C 254 -25.01 -32.64 -28.73
CA GLY C 254 -25.39 -31.40 -29.39
C GLY C 254 -26.76 -30.84 -29.08
N LYS C 255 -27.28 -31.05 -27.88
CA LYS C 255 -28.51 -30.40 -27.48
C LYS C 255 -28.26 -29.08 -26.75
N THR C 256 -27.01 -28.67 -26.62
CA THR C 256 -26.62 -27.38 -26.05
C THR C 256 -25.23 -27.04 -26.58
N ASN C 257 -24.89 -25.76 -26.53
CA ASN C 257 -23.52 -25.38 -26.81
C ASN C 257 -23.12 -24.19 -25.94
N LEU C 258 -21.82 -24.06 -25.71
CA LEU C 258 -21.27 -22.97 -24.92
C LEU C 258 -20.67 -21.87 -25.79
N LYS C 259 -21.19 -21.70 -27.01
CA LYS C 259 -20.62 -20.73 -27.94
C LYS C 259 -20.91 -19.30 -27.54
N ARG C 260 -21.97 -19.09 -26.76
CA ARG C 260 -22.35 -17.76 -26.29
C ARG C 260 -22.15 -17.58 -24.79
N VAL C 261 -21.65 -18.59 -24.06
CA VAL C 261 -21.34 -18.38 -22.65
C VAL C 261 -20.32 -17.25 -22.53
N THR C 262 -20.59 -16.31 -21.62
CA THR C 262 -19.70 -15.19 -21.34
C THR C 262 -19.47 -15.11 -19.84
N TYR C 263 -20.44 -15.64 -19.10
CA TYR C 263 -20.52 -15.50 -17.65
C TYR C 263 -20.55 -16.90 -17.07
N LEU C 264 -19.55 -17.23 -16.26
CA LEU C 264 -19.36 -18.60 -15.81
C LEU C 264 -19.13 -18.60 -14.31
N VAL C 265 -20.04 -19.23 -13.59
CA VAL C 265 -19.96 -19.39 -12.15
C VAL C 265 -19.66 -20.84 -11.82
N LEU C 266 -18.74 -21.06 -10.88
CA LEU C 266 -18.54 -22.38 -10.28
C LEU C 266 -18.82 -22.23 -8.80
N ASP C 267 -20.09 -22.39 -8.43
CA ASP C 267 -20.43 -22.53 -7.03
C ASP C 267 -19.84 -23.81 -6.46
N GLU C 268 -19.52 -23.77 -5.17
CA GLU C 268 -19.01 -24.93 -4.44
C GLU C 268 -17.96 -25.74 -5.19
N ALA C 269 -17.03 -25.03 -5.84
CA ALA C 269 -15.98 -25.66 -6.65
C ALA C 269 -15.32 -26.82 -5.92
N ASP C 270 -15.13 -26.69 -4.62
CA ASP C 270 -14.36 -27.66 -3.86
C ASP C 270 -15.15 -28.93 -3.59
N ARG C 271 -16.48 -28.84 -3.51
CA ARG C 271 -17.30 -30.03 -3.43
C ARG C 271 -17.43 -30.71 -4.79
N MET C 272 -17.47 -29.92 -5.86
CA MET C 272 -17.40 -30.48 -7.21
C MET C 272 -16.15 -31.31 -7.39
N LEU C 273 -15.01 -30.82 -6.90
CA LEU C 273 -13.72 -31.47 -7.11
C LEU C 273 -13.68 -32.85 -6.47
N ASP C 274 -14.10 -32.96 -5.21
CA ASP C 274 -14.03 -34.25 -4.51
C ASP C 274 -15.35 -35.01 -4.61
N MET C 275 -16.10 -34.75 -5.68
CA MET C 275 -17.11 -35.66 -6.20
C MET C 275 -16.67 -36.24 -7.53
N GLY C 276 -15.43 -35.93 -7.94
CA GLY C 276 -14.81 -36.44 -9.14
C GLY C 276 -15.04 -35.64 -10.40
N PHE C 277 -15.70 -34.49 -10.31
CA PHE C 277 -16.09 -33.74 -11.50
C PHE C 277 -14.99 -32.85 -12.06
N GLU C 278 -13.74 -32.97 -11.55
CA GLU C 278 -12.69 -32.09 -12.09
C GLU C 278 -12.39 -32.37 -13.55
N PRO C 279 -12.21 -33.63 -14.01
CA PRO C 279 -12.08 -33.86 -15.45
C PRO C 279 -13.16 -33.15 -16.25
N GLN C 280 -14.43 -33.41 -15.90
CA GLN C 280 -15.55 -32.80 -16.60
C GLN C 280 -15.41 -31.28 -16.69
N ILE C 281 -15.33 -30.61 -15.55
CA ILE C 281 -15.38 -29.15 -15.57
C ILE C 281 -14.17 -28.55 -16.27
N ARG C 282 -13.12 -29.34 -16.48
CA ARG C 282 -11.98 -28.82 -17.22
C ARG C 282 -12.33 -28.67 -18.70
N LYS C 283 -12.90 -29.72 -19.31
CA LYS C 283 -13.24 -29.66 -20.73
C LYS C 283 -14.49 -28.83 -21.01
N ILE C 284 -15.47 -28.83 -20.09
CA ILE C 284 -16.59 -27.90 -20.19
C ILE C 284 -16.09 -26.47 -20.28
N VAL C 285 -15.05 -26.13 -19.53
CA VAL C 285 -14.54 -24.76 -19.55
C VAL C 285 -13.52 -24.56 -20.68
N ASP C 286 -12.82 -25.62 -21.10
CA ASP C 286 -11.81 -25.48 -22.15
C ASP C 286 -12.41 -24.90 -23.42
N GLN C 287 -13.70 -25.10 -23.65
CA GLN C 287 -14.36 -24.61 -24.86
C GLN C 287 -15.09 -23.29 -24.63
N ILE C 288 -14.92 -22.68 -23.47
CA ILE C 288 -15.54 -21.40 -23.15
C ILE C 288 -14.48 -20.32 -23.32
N ARG C 289 -14.76 -19.33 -24.17
CA ARG C 289 -13.86 -18.25 -24.56
C ARG C 289 -13.12 -17.63 -23.37
N PRO C 290 -11.78 -17.59 -23.42
CA PRO C 290 -11.01 -17.16 -22.24
C PRO C 290 -11.27 -15.73 -21.82
N ASP C 291 -11.83 -14.90 -22.69
CA ASP C 291 -12.15 -13.53 -22.34
C ASP C 291 -13.46 -13.42 -21.56
N ARG C 292 -14.05 -14.55 -21.18
CA ARG C 292 -15.25 -14.56 -20.36
C ARG C 292 -14.99 -13.95 -19.00
N GLN C 293 -16.08 -13.70 -18.27
CA GLN C 293 -16.04 -13.41 -16.85
C GLN C 293 -16.27 -14.69 -16.07
N THR C 294 -15.47 -14.92 -15.04
CA THR C 294 -15.48 -16.17 -14.31
C THR C 294 -15.56 -15.85 -12.82
N LEU C 295 -16.53 -16.46 -12.14
CA LEU C 295 -16.71 -16.31 -10.71
C LEU C 295 -16.71 -17.69 -10.08
N MET C 296 -15.83 -17.91 -9.11
CA MET C 296 -15.65 -19.22 -8.49
C MET C 296 -15.78 -19.11 -6.98
N TRP C 297 -16.72 -19.86 -6.41
CA TRP C 297 -16.91 -19.93 -4.97
C TRP C 297 -16.42 -21.27 -4.45
N SER C 298 -15.86 -21.25 -3.24
CA SER C 298 -15.29 -22.45 -2.63
C SER C 298 -15.33 -22.33 -1.12
N ALA C 299 -15.54 -23.46 -0.46
CA ALA C 299 -15.57 -23.48 1.00
C ALA C 299 -14.19 -23.75 1.59
N THR C 300 -13.50 -24.76 1.06
CA THR C 300 -12.18 -25.13 1.52
C THR C 300 -11.16 -24.80 0.44
N TRP C 301 -9.89 -24.99 0.76
CA TRP C 301 -8.79 -24.52 -0.09
C TRP C 301 -7.73 -25.59 -0.30
N PRO C 302 -8.04 -26.65 -1.06
CA PRO C 302 -6.99 -27.59 -1.44
C PRO C 302 -6.23 -27.05 -2.65
N LYS C 303 -5.11 -27.69 -2.95
CA LYS C 303 -4.30 -27.23 -4.07
C LYS C 303 -5.09 -27.26 -5.37
N GLU C 304 -5.92 -28.30 -5.58
CA GLU C 304 -6.59 -28.43 -6.86
C GLU C 304 -7.66 -27.35 -7.07
N VAL C 305 -8.22 -26.79 -6.01
CA VAL C 305 -9.07 -25.62 -6.17
C VAL C 305 -8.23 -24.38 -6.46
N LYS C 306 -7.15 -24.21 -5.70
CA LYS C 306 -6.19 -23.14 -5.98
C LYS C 306 -5.65 -23.26 -7.40
N GLN C 307 -5.48 -24.50 -7.88
CA GLN C 307 -5.03 -24.70 -9.25
C GLN C 307 -6.14 -24.38 -10.25
N LEU C 308 -7.39 -24.65 -9.87
CA LEU C 308 -8.51 -24.27 -10.73
C LEU C 308 -8.51 -22.77 -10.94
N ALA C 309 -8.36 -22.02 -9.84
CA ALA C 309 -8.23 -20.57 -9.94
C ALA C 309 -7.10 -20.18 -10.88
N ALA C 310 -5.91 -20.77 -10.67
CA ALA C 310 -4.75 -20.45 -11.49
C ALA C 310 -5.05 -20.57 -12.99
N ASP C 311 -5.66 -21.68 -13.40
CA ASP C 311 -5.95 -21.88 -14.82
C ASP C 311 -7.13 -21.04 -15.30
N TYR C 312 -8.30 -21.25 -14.70
CA TYR C 312 -9.57 -20.82 -15.28
C TYR C 312 -10.03 -19.45 -14.84
N LEU C 313 -9.20 -18.70 -14.12
CA LEU C 313 -9.52 -17.31 -13.83
C LEU C 313 -8.48 -16.40 -14.47
N ASN C 314 -8.80 -15.12 -14.56
CA ASN C 314 -7.87 -14.13 -15.11
C ASN C 314 -7.91 -12.90 -14.23
N ASP C 315 -6.85 -12.71 -13.43
CA ASP C 315 -6.58 -11.55 -12.58
C ASP C 315 -7.72 -11.38 -11.59
N PRO C 316 -8.03 -12.36 -10.78
CA PRO C 316 -9.21 -12.25 -9.91
C PRO C 316 -8.97 -11.31 -8.74
N ILE C 317 -10.08 -10.77 -8.21
CA ILE C 317 -10.11 -10.47 -6.79
C ILE C 317 -10.18 -11.79 -6.01
N GLN C 318 -9.68 -11.78 -4.79
CA GLN C 318 -9.83 -12.90 -3.87
C GLN C 318 -10.45 -12.39 -2.57
N VAL C 319 -11.75 -12.63 -2.37
CA VAL C 319 -12.37 -12.31 -1.10
C VAL C 319 -12.56 -13.61 -0.31
N GLN C 320 -12.17 -13.57 0.96
CA GLN C 320 -12.44 -14.62 1.93
C GLN C 320 -13.26 -14.01 3.06
N VAL C 321 -14.51 -14.40 3.19
CA VAL C 321 -15.31 -14.00 4.34
C VAL C 321 -15.07 -14.97 5.49
N GLY C 322 -14.71 -14.43 6.65
CA GLY C 322 -14.62 -15.23 7.85
C GLY C 322 -13.37 -16.11 7.89
N SER C 323 -13.08 -16.61 9.08
CA SER C 323 -12.02 -17.58 9.19
C SER C 323 -12.45 -18.89 8.55
N LEU C 324 -11.46 -19.69 8.14
CA LEU C 324 -11.75 -20.92 7.42
C LEU C 324 -12.55 -21.90 8.29
N GLU C 325 -13.19 -22.84 7.62
CA GLU C 325 -14.01 -23.86 8.26
C GLU C 325 -13.23 -24.63 9.32
N LEU C 326 -13.96 -25.21 10.27
CA LEU C 326 -13.44 -26.10 11.32
C LEU C 326 -12.03 -25.78 11.81
#